data_9ERG
#
_entry.id   9ERG
#
_cell.length_a   62.534
_cell.length_b   83.368
_cell.length_c   73.206
_cell.angle_alpha   90.000
_cell.angle_beta   106.352
_cell.angle_gamma   90.000
#
_symmetry.space_group_name_H-M   'P 1 21 1'
#
loop_
_entity.id
_entity.type
_entity.pdbx_description
1 polymer 'Uhgb_MS mannoside synthase from an unknown human gut bacterium'
2 non-polymer 1-O-phosphono-alpha-D-mannopyranose
3 water water
#
_entity_poly.entity_id   1
_entity_poly.type   'polypeptide(L)'
_entity_poly.pdbx_seq_one_letter_code
;MDIAKRCESNPLLSPKDLKAGINDMEITCLLNPGVFKFKGKTWLLLRVAERPVQQEGIISFPIYDEQGQIKVMSFAENDP
DLDASDPRVIGYKGKNYLTTMSYLRLVSSEDGIHFHDEPGYPPIFGKGELEAFGIEDCRVASTKDGFYLTFTEVSSVAVG
VGMMHTNDWKTFEHYGMILPPHNKDCALFEEKINDKYYTFHRPSSPELGGNYIWLAESPDLRHWGNHKCVATTRDGFWDC
ARVGAGAAPIKTEAGWLEIYHGADFNHRYCLGALLLDLNDPSKVLARSKEPIMEPIASYEQTGFFGNVIFTNGQLVDGDT
ITIYYGASDEVICKAELSVKEILNILNVGIL
;
_entity_poly.pdbx_strand_id   A,B
#
loop_
_chem_comp.id
_chem_comp.type
_chem_comp.name
_chem_comp.formula
M1P D-saccharide 1-O-phosphono-alpha-D-mannopyranose 'C6 H13 O9 P'
#
# COMPACT_ATOMS: atom_id res chain seq x y z
N MET A 1 27.58 18.55 12.00
CA MET A 1 26.28 17.99 11.54
C MET A 1 25.41 17.70 12.76
N ASP A 2 25.92 16.85 13.67
CA ASP A 2 25.14 16.30 14.77
C ASP A 2 24.98 17.34 15.88
N ILE A 3 23.72 17.62 16.23
CA ILE A 3 23.40 18.66 17.21
C ILE A 3 22.58 18.04 18.34
N ALA A 4 22.69 16.71 18.53
CA ALA A 4 21.97 16.05 19.61
C ALA A 4 22.82 16.05 20.88
N LYS A 5 22.17 16.20 22.04
CA LYS A 5 22.85 16.13 23.32
C LYS A 5 22.50 14.80 23.98
N ARG A 6 23.40 13.80 23.85
CA ARG A 6 23.11 12.45 24.28
C ARG A 6 23.10 12.37 25.81
N CYS A 7 22.20 11.56 26.36
CA CYS A 7 22.16 11.30 27.77
C CYS A 7 23.43 10.55 28.16
N GLU A 8 24.08 10.99 29.25
CA GLU A 8 25.34 10.39 29.68
C GLU A 8 25.17 8.93 30.11
N SER A 9 23.95 8.51 30.45
CA SER A 9 23.69 7.15 30.91
C SER A 9 23.38 6.21 29.74
N ASN A 10 23.44 6.71 28.49
CA ASN A 10 23.17 5.82 27.37
C ASN A 10 24.15 4.65 27.41
N PRO A 11 23.73 3.40 27.11
CA PRO A 11 22.33 3.06 26.86
C PRO A 11 21.50 2.92 28.13
N LEU A 12 20.24 3.34 28.09
CA LEU A 12 19.33 3.27 29.23
C LEU A 12 18.86 1.83 29.47
N LEU A 13 18.54 1.09 28.40
CA LEU A 13 18.09 -0.30 28.53
C LEU A 13 18.74 -1.15 27.45
N SER A 14 19.21 -2.33 27.87
CA SER A 14 19.72 -3.35 26.95
C SER A 14 18.97 -4.66 27.19
N PRO A 15 18.98 -5.60 26.23
CA PRO A 15 18.33 -6.90 26.40
C PRO A 15 18.54 -7.59 27.75
N LYS A 16 19.77 -7.52 28.27
CA LYS A 16 20.13 -8.17 29.53
C LYS A 16 19.35 -7.60 30.73
N ASP A 17 18.81 -6.38 30.61
CA ASP A 17 18.21 -5.67 31.72
C ASP A 17 16.82 -6.18 32.07
N LEU A 18 16.15 -6.89 31.15
CA LEU A 18 14.78 -7.35 31.34
C LEU A 18 14.70 -8.88 31.28
N LYS A 19 13.72 -9.45 32.01
CA LYS A 19 13.36 -10.85 31.88
C LYS A 19 12.48 -11.02 30.64
N ALA A 20 12.66 -12.14 29.94
CA ALA A 20 11.97 -12.40 28.69
C ALA A 20 10.46 -12.46 28.94
N GLY A 21 9.67 -11.92 28.02
CA GLY A 21 8.23 -11.86 28.19
C GLY A 21 7.54 -13.11 27.67
N ILE A 22 8.19 -13.86 26.77
CA ILE A 22 7.61 -15.06 26.18
C ILE A 22 8.35 -16.26 26.75
N ASN A 23 7.62 -17.22 27.29
CA ASN A 23 8.22 -18.35 27.98
C ASN A 23 9.22 -19.07 27.07
N ASP A 24 10.44 -19.32 27.57
CA ASP A 24 11.47 -20.09 26.91
C ASP A 24 12.15 -19.33 25.78
N MET A 25 11.85 -18.04 25.62
CA MET A 25 12.57 -17.23 24.65
C MET A 25 13.63 -16.40 25.39
N GLU A 26 14.46 -15.70 24.62
CA GLU A 26 15.39 -14.72 25.16
C GLU A 26 15.24 -13.43 24.35
N ILE A 27 15.52 -12.29 25.00
CA ILE A 27 15.43 -11.01 24.34
C ILE A 27 16.70 -10.77 23.52
N THR A 28 16.53 -10.58 22.21
CA THR A 28 17.66 -10.30 21.33
C THR A 28 17.79 -8.79 21.14
N CYS A 29 16.67 -8.08 21.09
CA CYS A 29 16.65 -6.67 20.73
C CYS A 29 15.64 -5.90 21.58
N LEU A 30 16.02 -4.68 22.02
CA LEU A 30 15.10 -3.67 22.53
C LEU A 30 15.21 -2.44 21.64
N LEU A 31 14.10 -1.93 21.08
CA LEU A 31 14.27 -0.83 20.15
C LEU A 31 13.00 0.01 19.95
N ASN A 32 13.21 1.09 19.20
CA ASN A 32 12.17 1.90 18.58
C ASN A 32 10.98 2.09 19.49
N PRO A 33 11.16 2.73 20.68
CA PRO A 33 10.05 2.89 21.62
C PRO A 33 9.09 4.04 21.36
N GLY A 34 7.79 3.77 21.55
CA GLY A 34 6.82 4.81 21.77
C GLY A 34 7.10 5.51 23.10
N VAL A 35 6.70 6.79 23.20
CA VAL A 35 7.00 7.63 24.36
C VAL A 35 5.76 8.42 24.73
N PHE A 36 5.48 8.49 26.05
CA PHE A 36 4.36 9.28 26.54
C PHE A 36 4.49 9.50 28.05
N LYS A 37 3.70 10.47 28.52
CA LYS A 37 3.52 10.73 29.95
C LYS A 37 2.15 10.24 30.40
N PHE A 38 2.12 9.66 31.61
CA PHE A 38 0.92 9.10 32.20
C PHE A 38 1.16 8.90 33.70
N LYS A 39 0.17 9.29 34.53
CA LYS A 39 0.22 9.10 35.97
C LYS A 39 1.51 9.64 36.58
N GLY A 40 2.01 10.77 36.07
CA GLY A 40 3.13 11.45 36.72
C GLY A 40 4.48 10.91 36.29
N LYS A 41 4.49 9.93 35.36
CA LYS A 41 5.73 9.26 34.99
C LYS A 41 5.95 9.38 33.50
N THR A 42 7.20 9.14 33.08
CA THR A 42 7.55 8.93 31.69
C THR A 42 7.52 7.43 31.37
N TRP A 43 6.83 7.08 30.27
CA TRP A 43 6.69 5.70 29.84
C TRP A 43 7.31 5.49 28.47
N LEU A 44 7.91 4.31 28.30
CA LEU A 44 8.33 3.81 27.01
C LEU A 44 7.47 2.61 26.66
N LEU A 45 7.05 2.53 25.40
CA LEU A 45 6.39 1.37 24.87
C LEU A 45 7.38 0.66 23.94
N LEU A 46 8.20 -0.21 24.56
CA LEU A 46 9.33 -0.84 23.92
C LEU A 46 8.86 -1.78 22.80
N ARG A 47 9.62 -1.80 21.70
CA ARG A 47 9.58 -2.96 20.82
C ARG A 47 10.55 -4.01 21.37
N VAL A 48 10.03 -5.18 21.71
CA VAL A 48 10.85 -6.24 22.27
C VAL A 48 10.82 -7.42 21.31
N ALA A 49 12.01 -7.88 20.90
CA ALA A 49 12.15 -8.99 19.97
C ALA A 49 12.76 -10.18 20.68
N GLU A 50 12.09 -11.34 20.57
CA GLU A 50 12.48 -12.53 21.30
C GLU A 50 12.54 -13.71 20.34
N ARG A 51 13.35 -14.71 20.72
CA ARG A 51 13.42 -15.97 20.00
C ARG A 51 14.00 -17.00 20.96
N PRO A 52 13.94 -18.32 20.65
CA PRO A 52 14.52 -19.33 21.52
C PRO A 52 16.04 -19.30 21.48
N VAL A 53 16.66 -20.01 22.42
CA VAL A 53 18.11 -20.24 22.38
C VAL A 53 18.44 -20.93 21.06
N GLN A 54 19.38 -20.35 20.30
CA GLN A 54 19.76 -20.89 19.01
C GLN A 54 20.77 -22.03 19.19
N GLN A 55 20.43 -23.21 18.65
CA GLN A 55 21.36 -24.33 18.55
C GLN A 55 22.19 -24.20 17.27
N GLU A 56 23.37 -24.85 17.26
CA GLU A 56 24.34 -24.74 16.18
C GLU A 56 23.78 -25.33 14.89
N GLY A 57 23.85 -24.55 13.80
CA GLY A 57 23.48 -25.00 12.47
C GLY A 57 21.98 -25.01 12.23
N ILE A 58 21.22 -24.35 13.13
CA ILE A 58 19.76 -24.38 13.11
C ILE A 58 19.25 -22.97 13.40
N ILE A 59 18.37 -22.46 12.53
CA ILE A 59 17.69 -21.20 12.76
C ILE A 59 16.29 -21.53 13.32
N SER A 60 15.96 -20.96 14.49
CA SER A 60 14.76 -21.30 15.24
C SER A 60 14.06 -20.01 15.62
N PHE A 61 12.72 -19.98 15.56
CA PHE A 61 11.98 -18.74 15.75
C PHE A 61 10.53 -19.04 16.16
N PRO A 62 9.87 -18.10 16.88
CA PRO A 62 8.47 -18.27 17.26
C PRO A 62 7.46 -17.86 16.18
N ILE A 63 6.32 -18.56 16.12
CA ILE A 63 5.13 -18.09 15.42
C ILE A 63 3.90 -18.36 16.28
N TYR A 64 2.83 -17.58 16.05
CA TYR A 64 1.51 -17.90 16.55
C TYR A 64 0.83 -18.86 15.57
N ASP A 65 0.27 -19.96 16.09
CA ASP A 65 -0.49 -20.91 15.29
C ASP A 65 -1.90 -20.35 15.02
N GLU A 66 -2.77 -21.18 14.42
CA GLU A 66 -4.12 -20.77 14.03
C GLU A 66 -4.97 -20.50 15.28
N GLN A 67 -4.59 -21.08 16.43
CA GLN A 67 -5.33 -20.89 17.67
C GLN A 67 -4.76 -19.72 18.49
N GLY A 68 -3.80 -18.98 17.93
CA GLY A 68 -3.18 -17.84 18.60
C GLY A 68 -2.20 -18.25 19.70
N GLN A 69 -1.77 -19.52 19.69
CA GLN A 69 -0.82 -20.04 20.67
C GLN A 69 0.59 -20.00 20.07
N ILE A 70 1.59 -19.78 20.94
CA ILE A 70 2.99 -19.72 20.53
C ILE A 70 3.46 -21.11 20.15
N LYS A 71 4.22 -21.19 19.05
CA LYS A 71 4.95 -22.40 18.73
C LYS A 71 6.34 -22.02 18.22
N VAL A 72 7.17 -23.04 17.99
CA VAL A 72 8.53 -22.84 17.50
C VAL A 72 8.69 -23.55 16.15
N MET A 73 9.24 -22.81 15.18
CA MET A 73 9.63 -23.37 13.89
C MET A 73 11.16 -23.32 13.78
N SER A 74 11.71 -24.32 13.10
CA SER A 74 13.15 -24.46 12.95
C SER A 74 13.49 -24.96 11.55
N PHE A 75 14.60 -24.47 11.00
CA PHE A 75 15.14 -24.98 9.74
C PHE A 75 16.65 -25.21 9.91
N ALA A 76 17.18 -26.25 9.26
CA ALA A 76 18.63 -26.41 9.12
C ALA A 76 19.20 -25.26 8.31
N GLU A 77 20.35 -24.71 8.74
CA GLU A 77 20.92 -23.52 8.15
C GLU A 77 21.40 -23.80 6.73
N ASN A 78 21.81 -25.05 6.47
CA ASN A 78 22.37 -25.44 5.19
C ASN A 78 21.29 -26.03 4.27
N ASP A 79 20.01 -25.87 4.63
CA ASP A 79 18.92 -26.31 3.78
C ASP A 79 18.97 -25.52 2.47
N PRO A 80 18.95 -26.19 1.29
CA PRO A 80 19.04 -25.49 0.01
C PRO A 80 17.81 -24.67 -0.37
N ASP A 81 16.69 -24.92 0.34
CA ASP A 81 15.46 -24.16 0.15
C ASP A 81 15.39 -22.96 1.10
N LEU A 82 16.47 -22.70 1.85
CA LEU A 82 16.53 -21.61 2.81
C LEU A 82 17.41 -20.49 2.25
N ASP A 83 16.90 -19.26 2.26
CA ASP A 83 17.71 -18.07 2.07
C ASP A 83 17.71 -17.24 3.36
N ALA A 84 18.80 -17.36 4.13
CA ALA A 84 18.96 -16.65 5.39
C ALA A 84 20.01 -15.55 5.26
N SER A 85 20.11 -14.94 4.07
CA SER A 85 21.06 -13.87 3.81
C SER A 85 20.73 -12.63 4.65
N ASP A 86 19.44 -12.30 4.79
CA ASP A 86 19.00 -11.22 5.68
C ASP A 86 18.74 -11.81 7.07
N PRO A 87 19.27 -11.20 8.16
CA PRO A 87 19.04 -11.74 9.50
C PRO A 87 17.69 -11.44 10.15
N ARG A 88 16.91 -10.53 9.53
CA ARG A 88 15.60 -10.17 10.06
C ARG A 88 14.51 -11.02 9.38
N VAL A 89 14.62 -11.15 8.04
CA VAL A 89 13.59 -11.78 7.22
C VAL A 89 14.26 -12.88 6.39
N ILE A 90 13.82 -14.13 6.58
CA ILE A 90 14.36 -15.25 5.85
C ILE A 90 13.33 -15.74 4.83
N GLY A 91 13.80 -16.44 3.80
CA GLY A 91 12.91 -17.06 2.82
C GLY A 91 13.05 -18.58 2.85
N TYR A 92 11.91 -19.29 2.80
CA TYR A 92 11.89 -20.74 2.74
C TYR A 92 10.76 -21.22 1.83
N LYS A 93 11.15 -21.82 0.69
CA LYS A 93 10.21 -22.26 -0.34
C LYS A 93 9.31 -21.11 -0.77
N GLY A 94 9.90 -19.93 -0.97
CA GLY A 94 9.19 -18.80 -1.54
C GLY A 94 8.36 -18.01 -0.53
N LYS A 95 8.29 -18.46 0.74
CA LYS A 95 7.55 -17.77 1.79
C LYS A 95 8.53 -17.06 2.73
N ASN A 96 8.07 -15.97 3.38
CA ASN A 96 8.90 -15.20 4.30
C ASN A 96 8.53 -15.47 5.76
N TYR A 97 9.56 -15.49 6.63
CA TYR A 97 9.41 -15.63 8.06
C TYR A 97 10.36 -14.64 8.75
N LEU A 98 9.95 -14.15 9.93
CA LEU A 98 10.84 -13.36 10.76
C LEU A 98 11.69 -14.31 11.61
N THR A 99 12.89 -13.83 11.99
CA THR A 99 13.80 -14.61 12.83
C THR A 99 13.47 -14.42 14.30
N THR A 100 12.77 -13.34 14.63
CA THR A 100 12.30 -13.09 15.98
C THR A 100 10.82 -12.71 15.94
N MET A 101 10.15 -12.75 17.10
CA MET A 101 8.84 -12.13 17.24
C MET A 101 8.92 -10.88 18.13
N SER A 102 8.32 -9.79 17.66
CA SER A 102 8.23 -8.57 18.42
C SER A 102 6.86 -8.44 19.09
N TYR A 103 6.85 -7.83 20.28
CA TYR A 103 5.66 -7.38 20.98
C TYR A 103 5.99 -6.00 21.58
N LEU A 104 4.98 -5.35 22.18
CA LEU A 104 5.14 -4.03 22.77
C LEU A 104 5.09 -4.14 24.29
N ARG A 105 6.07 -3.52 24.97
CA ARG A 105 6.25 -3.68 26.40
C ARG A 105 6.36 -2.32 27.09
N LEU A 106 5.58 -2.13 28.16
CA LEU A 106 5.54 -0.89 28.91
C LEU A 106 6.59 -0.91 30.02
N VAL A 107 7.38 0.17 30.08
CA VAL A 107 8.21 0.47 31.24
C VAL A 107 8.01 1.94 31.60
N SER A 108 8.19 2.26 32.88
CA SER A 108 7.95 3.60 33.41
C SER A 108 9.19 4.09 34.15
N SER A 109 9.25 5.41 34.33
CA SER A 109 10.37 6.06 35.02
C SER A 109 9.90 7.30 35.76
N GLU A 110 10.53 7.58 36.91
CA GLU A 110 10.24 8.81 37.63
C GLU A 110 11.28 9.89 37.32
N ASP A 111 12.35 9.54 36.62
CA ASP A 111 13.42 10.49 36.32
C ASP A 111 13.73 10.58 34.83
N GLY A 112 13.06 9.78 33.98
CA GLY A 112 13.29 9.78 32.55
C GLY A 112 14.53 9.00 32.13
N ILE A 113 15.18 8.30 33.08
CA ILE A 113 16.48 7.67 32.87
C ILE A 113 16.42 6.18 33.25
N HIS A 114 16.01 5.88 34.49
CA HIS A 114 15.92 4.52 34.98
C HIS A 114 14.49 3.98 34.80
N PHE A 115 14.34 2.97 33.94
CA PHE A 115 13.03 2.44 33.58
C PHE A 115 12.83 1.04 34.15
N HIS A 116 11.57 0.69 34.43
CA HIS A 116 11.25 -0.62 34.99
C HIS A 116 9.83 -1.02 34.57
N ASP A 117 9.60 -2.34 34.58
CA ASP A 117 8.25 -2.86 34.43
C ASP A 117 7.39 -2.37 35.61
N GLU A 118 6.11 -2.13 35.31
CA GLU A 118 5.14 -1.66 36.29
C GLU A 118 4.11 -2.74 36.55
N PRO A 119 3.97 -3.20 37.82
CA PRO A 119 2.93 -4.15 38.19
C PRO A 119 1.57 -3.64 37.72
N GLY A 120 0.77 -4.54 37.12
CA GLY A 120 -0.56 -4.20 36.68
C GLY A 120 -0.60 -3.70 35.24
N TYR A 121 0.57 -3.57 34.58
CA TYR A 121 0.64 -3.09 33.21
C TYR A 121 1.37 -4.08 32.30
N PRO A 122 0.74 -5.23 31.96
CA PRO A 122 1.40 -6.27 31.17
C PRO A 122 1.54 -5.89 29.70
N PRO A 123 2.32 -6.66 28.91
CA PRO A 123 2.61 -6.26 27.53
C PRO A 123 1.45 -6.35 26.55
N ILE A 124 1.65 -5.78 25.35
CA ILE A 124 0.72 -5.95 24.24
C ILE A 124 1.33 -6.91 23.21
N PHE A 125 0.70 -8.07 23.05
CA PHE A 125 1.11 -9.09 22.10
C PHE A 125 0.19 -9.09 20.89
N GLY A 126 0.73 -9.49 19.73
CA GLY A 126 -0.05 -9.60 18.50
C GLY A 126 -1.28 -10.49 18.68
N LYS A 127 -2.38 -10.11 18.04
CA LYS A 127 -3.63 -10.86 18.09
C LYS A 127 -4.20 -10.98 16.68
N GLY A 128 -4.67 -12.17 16.30
CA GLY A 128 -5.32 -12.40 15.00
C GLY A 128 -4.32 -12.68 13.88
N GLU A 129 -4.86 -13.10 12.73
CA GLU A 129 -4.09 -13.51 11.56
C GLU A 129 -3.10 -12.46 11.07
N LEU A 130 -3.49 -11.17 11.10
CA LEU A 130 -2.68 -10.10 10.53
C LEU A 130 -1.55 -9.67 11.48
N GLU A 131 -1.47 -10.28 12.68
CA GLU A 131 -0.40 -9.98 13.62
C GLU A 131 0.32 -11.26 14.07
N ALA A 132 0.28 -12.31 13.24
CA ALA A 132 0.81 -13.63 13.59
C ALA A 132 2.32 -13.63 13.75
N PHE A 133 3.01 -12.68 13.09
CA PHE A 133 4.46 -12.59 13.14
C PHE A 133 4.92 -11.46 14.06
N GLY A 134 3.98 -10.75 14.71
CA GLY A 134 4.31 -9.78 15.74
C GLY A 134 3.85 -8.37 15.39
N ILE A 135 4.10 -7.44 16.32
CA ILE A 135 3.81 -6.02 16.16
C ILE A 135 5.05 -5.22 16.56
N GLU A 136 5.24 -4.04 15.94
CA GLU A 136 6.52 -3.35 15.94
C GLU A 136 6.36 -1.82 15.86
N ASP A 137 7.35 -1.11 16.43
CA ASP A 137 7.64 0.27 16.10
C ASP A 137 6.43 1.16 16.36
N CYS A 138 5.90 1.09 17.59
CA CYS A 138 4.63 1.72 17.89
C CYS A 138 4.83 3.20 18.21
N ARG A 139 4.10 4.05 17.48
CA ARG A 139 3.98 5.48 17.79
C ARG A 139 2.81 5.67 18.74
N VAL A 140 2.98 6.56 19.73
CA VAL A 140 1.90 6.88 20.65
C VAL A 140 1.58 8.37 20.52
N ALA A 141 0.38 8.65 20.02
CA ALA A 141 -0.19 10.00 20.01
C ALA A 141 -0.93 10.24 21.32
N SER A 142 -0.49 11.26 22.10
CA SER A 142 -1.18 11.71 23.29
C SER A 142 -2.12 12.83 22.87
N THR A 143 -3.43 12.62 23.01
CA THR A 143 -4.44 13.54 22.49
C THR A 143 -5.45 13.83 23.60
N LYS A 144 -6.33 14.81 23.35
CA LYS A 144 -7.36 15.16 24.32
C LYS A 144 -8.34 14.00 24.53
N ASP A 145 -8.41 13.05 23.56
CA ASP A 145 -9.32 11.90 23.63
C ASP A 145 -8.58 10.62 24.02
N GLY A 146 -7.35 10.75 24.56
CA GLY A 146 -6.60 9.60 25.02
C GLY A 146 -5.45 9.25 24.08
N PHE A 147 -4.96 8.01 24.20
CA PHE A 147 -3.75 7.57 23.50
C PHE A 147 -4.11 6.72 22.29
N TYR A 148 -3.57 7.06 21.12
CA TYR A 148 -3.72 6.26 19.91
C TYR A 148 -2.36 5.68 19.52
N LEU A 149 -2.34 4.35 19.37
CA LEU A 149 -1.15 3.59 19.06
C LEU A 149 -1.20 3.23 17.57
N THR A 150 -0.14 3.54 16.81
CA THR A 150 -0.03 3.12 15.42
C THR A 150 1.30 2.38 15.22
N PHE A 151 1.19 1.13 14.76
CA PHE A 151 2.28 0.16 14.79
C PHE A 151 2.25 -0.71 13.53
N THR A 152 3.39 -1.37 13.24
CA THR A 152 3.44 -2.38 12.20
C THR A 152 2.70 -3.64 12.67
N GLU A 153 1.86 -4.17 11.79
CA GLU A 153 1.29 -5.49 11.95
C GLU A 153 1.97 -6.42 10.93
N VAL A 154 2.54 -7.55 11.40
CA VAL A 154 3.29 -8.44 10.53
C VAL A 154 2.68 -9.83 10.54
N SER A 155 2.58 -10.41 9.33
CA SER A 155 2.15 -11.77 9.09
C SER A 155 2.71 -12.26 7.75
N SER A 156 2.43 -13.50 7.40
CA SER A 156 2.88 -14.05 6.13
C SER A 156 2.21 -13.36 4.94
N VAL A 157 1.12 -12.59 5.16
CA VAL A 157 0.40 -11.99 4.06
C VAL A 157 0.61 -10.48 3.99
N ALA A 158 1.23 -9.86 5.01
CA ALA A 158 1.30 -8.41 5.03
C ALA A 158 2.24 -7.84 6.08
N VAL A 159 2.96 -6.80 5.66
CA VAL A 159 3.46 -5.77 6.54
C VAL A 159 2.53 -4.56 6.39
N GLY A 160 1.67 -4.30 7.40
CA GLY A 160 0.67 -3.24 7.36
C GLY A 160 0.62 -2.45 8.68
N VAL A 161 -0.31 -1.50 8.78
CA VAL A 161 -0.41 -0.62 9.94
C VAL A 161 -1.71 -0.89 10.70
N GLY A 162 -1.56 -1.12 12.02
CA GLY A 162 -2.68 -1.21 12.94
C GLY A 162 -2.83 0.05 13.79
N MET A 163 -4.03 0.24 14.36
CA MET A 163 -4.24 1.28 15.36
C MET A 163 -5.07 0.71 16.50
N MET A 164 -4.69 1.09 17.72
CA MET A 164 -5.44 0.81 18.93
C MET A 164 -5.63 2.13 19.69
N HIS A 165 -6.57 2.13 20.66
CA HIS A 165 -6.79 3.26 21.54
C HIS A 165 -6.83 2.80 22.99
N THR A 166 -6.32 3.63 23.90
CA THR A 166 -6.45 3.37 25.32
C THR A 166 -6.60 4.70 26.09
N ASN A 167 -7.24 4.61 27.26
CA ASN A 167 -7.24 5.68 28.24
C ASN A 167 -6.38 5.30 29.45
N ASP A 168 -6.35 4.00 29.82
CA ASP A 168 -5.77 3.60 31.10
C ASP A 168 -4.54 2.68 30.95
N TRP A 169 -4.19 2.32 29.71
CA TRP A 169 -3.05 1.46 29.42
C TRP A 169 -3.23 0.04 29.94
N LYS A 170 -4.48 -0.38 30.22
CA LYS A 170 -4.78 -1.75 30.62
C LYS A 170 -5.77 -2.41 29.66
N THR A 171 -6.79 -1.66 29.19
CA THR A 171 -7.70 -2.14 28.18
C THR A 171 -7.56 -1.24 26.95
N PHE A 172 -7.77 -1.87 25.78
CA PHE A 172 -7.49 -1.28 24.50
C PHE A 172 -8.67 -1.54 23.56
N GLU A 173 -8.99 -0.58 22.68
CA GLU A 173 -9.87 -0.87 21.54
C GLU A 173 -8.99 -0.95 20.30
N HIS A 174 -9.23 -1.95 19.44
CA HIS A 174 -8.40 -2.22 18.28
C HIS A 174 -9.21 -1.83 17.05
N TYR A 175 -8.67 -0.99 16.17
CA TYR A 175 -9.41 -0.46 15.02
C TYR A 175 -9.09 -1.22 13.75
N GLY A 176 -8.30 -2.31 13.87
CA GLY A 176 -7.96 -3.16 12.74
C GLY A 176 -6.78 -2.59 11.96
N MET A 177 -6.62 -3.09 10.73
CA MET A 177 -5.57 -2.60 9.84
C MET A 177 -6.08 -1.36 9.11
N ILE A 178 -5.54 -0.19 9.48
CA ILE A 178 -5.97 1.10 8.91
C ILE A 178 -5.32 1.34 7.54
N LEU A 179 -4.15 0.73 7.30
CA LEU A 179 -3.41 0.93 6.06
C LEU A 179 -2.91 -0.45 5.63
N PRO A 180 -3.15 -0.84 4.35
CA PRO A 180 -2.82 -2.19 3.89
C PRO A 180 -1.33 -2.32 3.64
N PRO A 181 -0.82 -3.54 3.31
CA PRO A 181 0.58 -3.68 2.96
C PRO A 181 0.84 -2.91 1.66
N HIS A 182 2.09 -2.51 1.44
CA HIS A 182 3.23 -2.71 2.32
C HIS A 182 3.58 -1.37 2.93
N ASN A 183 3.35 -1.21 4.24
CA ASN A 183 3.30 0.11 4.83
C ASN A 183 3.71 0.00 6.30
N LYS A 184 4.32 1.06 6.80
CA LYS A 184 4.71 1.21 8.20
C LYS A 184 5.09 2.67 8.42
N ASP A 185 5.74 2.98 9.58
CA ASP A 185 6.19 4.32 9.92
C ASP A 185 4.99 5.29 9.90
N CYS A 186 3.96 4.93 10.67
CA CYS A 186 2.70 5.65 10.69
C CYS A 186 2.70 6.59 11.91
N ALA A 187 2.74 7.90 11.63
CA ALA A 187 2.83 8.92 12.66
C ALA A 187 1.57 9.78 12.62
N LEU A 188 0.62 9.45 13.52
CA LEU A 188 -0.63 10.16 13.68
C LEU A 188 -0.38 11.51 14.35
N PHE A 189 -0.97 12.57 13.80
CA PHE A 189 -0.93 13.90 14.40
C PHE A 189 -1.77 13.88 15.67
N GLU A 190 -1.35 14.64 16.69
CA GLU A 190 -1.98 14.63 18.00
C GLU A 190 -3.16 15.61 18.09
N GLU A 191 -3.43 16.37 17.02
CA GLU A 191 -4.62 17.21 16.98
C GLU A 191 -5.15 17.30 15.55
N LYS A 192 -6.40 17.76 15.42
CA LYS A 192 -7.04 17.90 14.12
C LYS A 192 -6.53 19.15 13.42
N ILE A 193 -6.61 19.15 12.09
CA ILE A 193 -6.40 20.34 11.29
C ILE A 193 -7.60 20.48 10.36
N ASN A 194 -8.20 21.67 10.29
CA ASN A 194 -9.36 21.92 9.44
C ASN A 194 -10.38 20.80 9.63
N ASP A 195 -10.64 20.45 10.89
CA ASP A 195 -11.61 19.44 11.28
C ASP A 195 -11.34 18.05 10.68
N LYS A 196 -10.08 17.71 10.36
CA LYS A 196 -9.78 16.33 10.01
C LYS A 196 -8.59 15.85 10.83
N TYR A 197 -8.44 14.52 10.91
CA TYR A 197 -7.22 13.90 11.42
C TYR A 197 -6.25 13.69 10.26
N TYR A 198 -4.95 13.71 10.58
CA TYR A 198 -3.87 13.50 9.62
C TYR A 198 -2.85 12.51 10.18
N THR A 199 -2.24 11.74 9.28
CA THR A 199 -1.12 10.85 9.64
C THR A 199 -0.11 10.86 8.50
N PHE A 200 1.17 10.76 8.85
CA PHE A 200 2.19 10.37 7.90
C PHE A 200 2.16 8.86 7.84
N HIS A 201 2.57 8.32 6.68
CA HIS A 201 2.78 6.90 6.48
C HIS A 201 3.86 6.70 5.40
N ARG A 202 4.07 5.46 4.98
CA ARG A 202 5.29 5.09 4.26
C ARG A 202 5.08 3.80 3.48
N PRO A 203 4.24 3.85 2.43
CA PRO A 203 4.07 2.71 1.54
C PRO A 203 5.37 2.40 0.81
N SER A 204 5.60 1.10 0.52
CA SER A 204 6.74 0.66 -0.27
C SER A 204 6.26 0.17 -1.63
N SER A 205 6.89 0.68 -2.70
CA SER A 205 6.56 0.30 -4.06
C SER A 205 7.55 -0.71 -4.61
N PRO A 206 7.11 -1.87 -5.16
CA PRO A 206 8.00 -2.76 -5.92
C PRO A 206 8.56 -2.17 -7.21
N GLU A 207 7.81 -1.24 -7.82
CA GLU A 207 8.25 -0.49 -8.99
C GLU A 207 7.44 0.80 -9.09
N LEU A 208 7.87 1.71 -9.94
CA LEU A 208 7.18 2.97 -10.19
C LEU A 208 6.89 3.64 -8.85
N GLY A 209 7.99 3.98 -8.16
CA GLY A 209 7.94 4.57 -6.83
C GLY A 209 9.12 4.09 -5.98
N GLY A 210 8.98 4.19 -4.66
CA GLY A 210 10.03 3.80 -3.74
C GLY A 210 9.49 3.73 -2.32
N ASN A 211 10.27 4.28 -1.38
CA ASN A 211 9.92 4.30 0.03
C ASN A 211 9.89 5.75 0.52
N TYR A 212 8.76 6.41 0.31
CA TYR A 212 8.65 7.85 0.53
C TYR A 212 7.70 8.13 1.70
N ILE A 213 7.77 9.35 2.23
CA ILE A 213 6.82 9.83 3.25
C ILE A 213 5.56 10.32 2.55
N TRP A 214 4.41 9.77 2.98
CA TRP A 214 3.09 10.09 2.48
C TRP A 214 2.23 10.65 3.63
N LEU A 215 1.14 11.33 3.24
CA LEU A 215 0.14 11.90 4.12
C LEU A 215 -1.22 11.28 3.79
N ALA A 216 -2.06 11.08 4.81
CA ALA A 216 -3.45 10.73 4.61
C ALA A 216 -4.35 11.45 5.61
N GLU A 217 -5.64 11.57 5.28
CA GLU A 217 -6.58 12.24 6.14
C GLU A 217 -7.71 11.28 6.53
N SER A 218 -8.38 11.62 7.61
CA SER A 218 -9.45 10.78 8.14
C SER A 218 -10.50 11.65 8.83
N PRO A 219 -11.80 11.30 8.73
CA PRO A 219 -12.80 11.95 9.55
C PRO A 219 -12.99 11.32 10.92
N ASP A 220 -12.38 10.14 11.16
CA ASP A 220 -12.80 9.30 12.27
C ASP A 220 -11.67 8.42 12.84
N LEU A 221 -10.45 8.47 12.31
CA LEU A 221 -9.29 7.72 12.80
C LEU A 221 -9.27 6.26 12.34
N ARG A 222 -10.42 5.70 11.96
CA ARG A 222 -10.50 4.31 11.52
C ARG A 222 -10.31 4.21 10.00
N HIS A 223 -10.73 5.24 9.27
CA HIS A 223 -10.80 5.20 7.82
C HIS A 223 -9.97 6.34 7.22
N TRP A 224 -9.12 6.03 6.21
CA TRP A 224 -8.11 6.95 5.70
C TRP A 224 -8.21 7.12 4.18
N GLY A 225 -7.86 8.33 3.70
CA GLY A 225 -7.95 8.64 2.29
C GLY A 225 -7.23 9.93 1.90
N ASN A 226 -7.53 10.36 0.68
CA ASN A 226 -6.94 11.52 0.03
C ASN A 226 -5.41 11.50 0.19
N HIS A 227 -4.79 10.40 -0.26
CA HIS A 227 -3.35 10.20 -0.08
C HIS A 227 -2.56 11.20 -0.91
N LYS A 228 -1.43 11.65 -0.34
CA LYS A 228 -0.53 12.62 -0.91
C LYS A 228 0.93 12.22 -0.62
N CYS A 229 1.80 12.36 -1.61
CA CYS A 229 3.23 12.13 -1.46
C CYS A 229 3.88 13.41 -0.91
N VAL A 230 4.47 13.34 0.29
CA VAL A 230 5.03 14.51 0.95
C VAL A 230 6.51 14.70 0.60
N ALA A 231 7.34 13.66 0.79
CA ALA A 231 8.77 13.78 0.60
C ALA A 231 9.41 12.47 0.14
N THR A 232 10.17 12.54 -0.97
CA THR A 232 10.83 11.37 -1.53
C THR A 232 12.23 11.28 -0.95
N THR A 233 12.91 10.17 -1.29
CA THR A 233 14.34 10.07 -1.07
C THR A 233 15.03 11.09 -1.98
N ARG A 234 16.32 11.36 -1.70
CA ARG A 234 17.10 12.31 -2.49
C ARG A 234 18.38 11.68 -3.01
N ASP A 235 18.50 11.63 -4.34
CA ASP A 235 19.65 11.09 -5.03
C ASP A 235 20.91 11.83 -4.60
N GLY A 236 21.94 11.05 -4.24
CA GLY A 236 23.23 11.59 -3.84
C GLY A 236 23.24 12.17 -2.42
N PHE A 237 22.20 11.92 -1.62
CA PHE A 237 22.12 12.44 -0.26
C PHE A 237 22.18 11.26 0.72
N TRP A 238 22.39 11.59 1.99
CA TRP A 238 22.34 10.63 3.07
C TRP A 238 21.02 9.87 3.09
N ASP A 239 19.96 10.45 2.50
CA ASP A 239 18.64 9.82 2.52
C ASP A 239 18.22 9.40 1.11
N CYS A 240 19.12 8.73 0.39
CA CYS A 240 18.88 8.33 -0.99
C CYS A 240 18.07 7.02 -1.09
N ALA A 241 18.05 6.20 -0.03
CA ALA A 241 17.52 4.86 -0.16
C ALA A 241 16.09 4.79 0.35
N ARG A 242 15.85 5.31 1.55
CA ARG A 242 14.54 5.28 2.15
C ARG A 242 14.40 6.39 3.19
N VAL A 243 13.19 6.95 3.25
CA VAL A 243 12.79 7.86 4.30
C VAL A 243 11.53 7.32 4.99
N GLY A 244 11.32 7.77 6.23
CA GLY A 244 10.13 7.49 7.01
C GLY A 244 10.00 8.47 8.18
N ALA A 245 8.74 8.81 8.53
CA ALA A 245 8.47 9.65 9.67
C ALA A 245 8.78 8.88 10.96
N GLY A 246 9.03 9.65 12.03
CA GLY A 246 9.23 9.10 13.36
C GLY A 246 7.95 9.20 14.17
N ALA A 247 7.98 10.08 15.17
CA ALA A 247 6.82 10.37 16.00
C ALA A 247 5.97 11.45 15.32
N ALA A 248 4.81 11.70 15.92
CA ALA A 248 3.97 12.86 15.58
C ALA A 248 4.84 14.10 15.42
N PRO A 249 4.44 15.00 14.51
CA PRO A 249 5.11 16.29 14.37
C PRO A 249 4.78 17.20 15.55
N ILE A 250 5.69 18.13 15.82
CA ILE A 250 5.57 19.12 16.86
C ILE A 250 4.97 20.36 16.24
N LYS A 251 3.96 20.93 16.90
CA LYS A 251 3.38 22.16 16.42
C LYS A 251 4.29 23.33 16.79
N THR A 252 4.85 24.02 15.79
CA THR A 252 5.58 25.26 16.05
C THR A 252 4.82 26.40 15.38
N GLU A 253 5.25 27.63 15.64
CA GLU A 253 4.68 28.80 15.00
C GLU A 253 5.01 28.82 13.51
N ALA A 254 6.09 28.15 13.10
CA ALA A 254 6.47 28.16 11.70
C ALA A 254 5.86 26.98 10.94
N GLY A 255 5.25 26.02 11.66
CA GLY A 255 4.70 24.84 11.01
C GLY A 255 4.91 23.59 11.86
N TRP A 256 4.55 22.45 11.25
CA TRP A 256 4.70 21.13 11.82
C TRP A 256 6.15 20.67 11.65
N LEU A 257 6.83 20.48 12.79
CA LEU A 257 8.21 20.05 12.76
C LEU A 257 8.28 18.54 12.98
N GLU A 258 8.79 17.83 11.96
CA GLU A 258 8.83 16.37 11.94
C GLU A 258 10.28 15.88 11.94
N ILE A 259 10.63 15.08 12.94
CA ILE A 259 11.95 14.48 13.02
C ILE A 259 11.89 13.11 12.34
N TYR A 260 12.34 13.07 11.07
CA TYR A 260 12.23 11.88 10.24
C TYR A 260 13.56 11.13 10.26
N HIS A 261 13.51 9.87 9.79
CA HIS A 261 14.72 9.09 9.60
C HIS A 261 14.91 8.84 8.11
N GLY A 262 16.18 8.81 7.71
CA GLY A 262 16.55 8.49 6.33
C GLY A 262 17.74 7.55 6.33
N ALA A 263 17.80 6.70 5.28
CA ALA A 263 18.87 5.74 5.11
C ALA A 263 19.47 5.85 3.70
N ASP A 264 20.76 5.52 3.62
CA ASP A 264 21.47 5.41 2.35
C ASP A 264 21.55 3.95 1.92
N PHE A 265 22.27 3.67 0.83
CA PHE A 265 22.32 2.31 0.29
C PHE A 265 23.31 1.45 1.07
N ASN A 266 23.96 2.02 2.08
CA ASN A 266 24.79 1.27 3.02
C ASN A 266 24.01 0.90 4.28
N HIS A 267 22.72 1.29 4.35
CA HIS A 267 21.86 0.97 5.49
C HIS A 267 22.27 1.75 6.73
N ARG A 268 22.90 2.90 6.51
CA ARG A 268 23.20 3.85 7.56
C ARG A 268 21.99 4.76 7.75
N TYR A 269 21.44 4.77 8.97
CA TYR A 269 20.23 5.53 9.31
C TYR A 269 20.64 6.75 10.14
N CYS A 270 20.16 7.94 9.72
CA CYS A 270 20.33 9.21 10.42
C CYS A 270 18.98 9.91 10.58
N LEU A 271 18.94 10.99 11.38
CA LEU A 271 17.72 11.76 11.59
C LEU A 271 17.86 13.12 10.91
N GLY A 272 16.75 13.56 10.29
CA GLY A 272 16.65 14.88 9.67
C GLY A 272 15.39 15.60 10.16
N ALA A 273 15.21 16.84 9.71
CA ALA A 273 14.03 17.62 10.02
C ALA A 273 13.24 17.97 8.75
N LEU A 274 11.91 17.84 8.83
CA LEU A 274 10.94 18.32 7.86
C LEU A 274 10.03 19.36 8.52
N LEU A 275 9.83 20.51 7.88
CA LEU A 275 8.86 21.49 8.32
C LEU A 275 7.70 21.54 7.33
N LEU A 276 6.48 21.19 7.78
CA LEU A 276 5.29 21.19 6.93
C LEU A 276 4.41 22.38 7.30
N ASP A 277 3.69 22.93 6.31
CA ASP A 277 2.74 24.02 6.50
C ASP A 277 1.65 23.62 7.50
N LEU A 278 1.29 24.57 8.39
CA LEU A 278 0.36 24.35 9.49
C LEU A 278 -0.98 23.86 8.96
N ASN A 279 -1.47 24.49 7.87
CA ASN A 279 -2.80 24.23 7.35
C ASN A 279 -2.80 23.20 6.22
N ASP A 280 -1.68 23.05 5.52
CA ASP A 280 -1.59 22.05 4.46
C ASP A 280 -0.34 21.20 4.71
N PRO A 281 -0.44 20.17 5.57
CA PRO A 281 0.75 19.39 5.92
C PRO A 281 1.42 18.54 4.82
N SER A 282 0.86 18.54 3.61
CA SER A 282 1.52 17.90 2.48
C SER A 282 2.56 18.85 1.88
N LYS A 283 2.54 20.12 2.30
CA LYS A 283 3.41 21.13 1.72
C LYS A 283 4.68 21.29 2.57
N VAL A 284 5.83 21.06 1.93
CA VAL A 284 7.13 21.14 2.59
C VAL A 284 7.66 22.58 2.55
N LEU A 285 7.88 23.17 3.72
CA LEU A 285 8.44 24.49 3.85
C LEU A 285 9.95 24.44 3.99
N ALA A 286 10.50 23.33 4.53
CA ALA A 286 11.92 23.23 4.79
C ALA A 286 12.33 21.78 5.03
N ARG A 287 13.59 21.46 4.70
CA ARG A 287 14.14 20.14 4.96
C ARG A 287 15.63 20.22 5.28
N SER A 288 16.08 19.44 6.28
CA SER A 288 17.51 19.35 6.58
C SER A 288 18.30 18.99 5.33
N LYS A 289 19.36 19.74 5.01
CA LYS A 289 20.29 19.35 3.96
C LYS A 289 21.17 18.21 4.46
N GLU A 290 21.82 18.44 5.60
CA GLU A 290 22.59 17.42 6.30
C GLU A 290 21.75 16.89 7.46
N PRO A 291 22.07 15.69 8.02
CA PRO A 291 21.38 15.19 9.20
C PRO A 291 21.53 16.12 10.40
N ILE A 292 20.55 16.06 11.32
CA ILE A 292 20.68 16.74 12.61
C ILE A 292 21.23 15.77 13.65
N MET A 293 21.19 14.46 13.36
CA MET A 293 21.77 13.46 14.24
C MET A 293 22.23 12.28 13.39
N GLU A 294 23.44 11.78 13.70
CA GLU A 294 24.05 10.69 12.98
C GLU A 294 24.48 9.61 13.98
N PRO A 295 24.61 8.34 13.54
CA PRO A 295 25.05 7.27 14.44
C PRO A 295 26.56 7.29 14.65
N ILE A 296 27.01 8.14 15.58
CA ILE A 296 28.43 8.40 15.80
C ILE A 296 28.89 7.99 17.21
N ALA A 297 27.96 7.71 18.14
CA ALA A 297 28.39 7.18 19.42
C ALA A 297 28.67 5.68 19.28
N SER A 298 29.50 5.13 20.18
CA SER A 298 29.97 3.75 20.11
C SER A 298 28.81 2.76 20.09
N TYR A 299 27.79 3.02 20.91
CA TYR A 299 26.60 2.15 21.03
C TYR A 299 25.69 2.30 19.81
N GLU A 300 25.98 3.26 18.94
CA GLU A 300 25.21 3.47 17.73
C GLU A 300 25.85 2.72 16.55
N GLN A 301 26.91 1.92 16.81
CA GLN A 301 27.63 1.20 15.77
C GLN A 301 28.05 -0.20 16.24
N THR A 302 27.09 -1.10 16.53
CA THR A 302 27.39 -2.44 17.00
C THR A 302 26.49 -3.45 16.30
N GLY A 303 27.00 -4.67 16.06
CA GLY A 303 26.18 -5.82 15.69
C GLY A 303 25.71 -5.77 14.25
N GLY A 306 23.45 -1.87 13.29
CA GLY A 306 24.81 -1.37 12.96
C GLY A 306 24.75 -0.10 12.10
N ASN A 307 25.12 1.04 12.73
CA ASN A 307 25.08 2.36 12.12
C ASN A 307 23.62 2.78 11.93
N VAL A 308 22.88 2.73 13.04
CA VAL A 308 21.45 2.98 13.04
C VAL A 308 21.10 3.76 14.30
N ILE A 309 20.38 4.87 14.09
CA ILE A 309 19.56 5.50 15.11
C ILE A 309 18.15 5.64 14.54
N PHE A 310 17.15 5.44 15.39
CA PHE A 310 15.76 5.43 14.94
C PHE A 310 14.88 5.93 16.07
N THR A 311 14.04 6.93 15.81
CA THR A 311 13.13 7.47 16.84
C THR A 311 11.70 7.45 16.33
N ASN A 312 10.79 6.99 17.19
CA ASN A 312 9.36 7.08 16.96
C ASN A 312 8.64 7.49 18.24
N GLY A 313 9.32 8.32 19.07
CA GLY A 313 8.72 8.82 20.29
C GLY A 313 9.60 9.89 20.94
N GLN A 314 8.93 10.89 21.54
CA GLN A 314 9.65 12.00 22.16
C GLN A 314 8.73 12.73 23.14
N LEU A 315 9.34 13.52 24.03
CA LEU A 315 8.62 14.51 24.81
C LEU A 315 9.14 15.88 24.42
N VAL A 316 8.26 16.87 24.58
CA VAL A 316 8.58 18.27 24.31
C VAL A 316 8.20 19.10 25.53
N ASP A 317 9.18 19.84 26.05
CA ASP A 317 8.95 20.76 27.13
C ASP A 317 9.58 22.09 26.72
N GLY A 318 8.73 23.05 26.34
CA GLY A 318 9.19 24.33 25.81
C GLY A 318 10.02 24.11 24.56
N ASP A 319 11.27 24.58 24.59
CA ASP A 319 12.17 24.44 23.46
C ASP A 319 12.86 23.08 23.43
N THR A 320 12.81 22.30 24.52
CA THR A 320 13.60 21.08 24.61
C THR A 320 12.78 19.88 24.16
N ILE A 321 13.28 19.18 23.12
CA ILE A 321 12.76 17.90 22.68
C ILE A 321 13.60 16.81 23.32
N THR A 322 12.97 15.90 24.05
CA THR A 322 13.65 14.72 24.57
C THR A 322 13.22 13.54 23.71
N ILE A 323 14.09 13.10 22.78
CA ILE A 323 13.81 11.91 22.00
C ILE A 323 14.28 10.69 22.77
N TYR A 324 13.53 9.59 22.62
CA TYR A 324 14.05 8.26 22.93
C TYR A 324 14.21 7.53 21.60
N TYR A 325 15.23 6.65 21.52
CA TYR A 325 15.58 6.08 20.23
C TYR A 325 16.23 4.71 20.44
N GLY A 326 16.08 3.89 19.38
CA GLY A 326 16.84 2.66 19.24
C GLY A 326 18.20 2.95 18.61
N ALA A 327 19.23 2.29 19.13
CA ALA A 327 20.57 2.37 18.58
C ALA A 327 21.03 0.96 18.23
N SER A 328 21.53 0.82 17.00
CA SER A 328 21.97 -0.45 16.44
C SER A 328 20.84 -1.48 16.40
N ASP A 329 19.58 -1.02 16.39
CA ASP A 329 18.44 -1.91 16.46
C ASP A 329 18.56 -2.89 17.65
N GLU A 330 19.19 -2.45 18.75
CA GLU A 330 19.49 -3.35 19.86
C GLU A 330 19.20 -2.73 21.23
N VAL A 331 19.54 -1.45 21.44
CA VAL A 331 19.46 -0.83 22.76
C VAL A 331 18.66 0.47 22.69
N ILE A 332 18.20 0.93 23.87
CA ILE A 332 17.37 2.12 24.03
C ILE A 332 18.21 3.27 24.58
N CYS A 333 18.05 4.46 23.98
CA CYS A 333 18.84 5.64 24.33
C CYS A 333 17.98 6.90 24.35
N LYS A 334 18.54 7.97 24.96
CA LYS A 334 17.89 9.26 25.08
C LYS A 334 18.82 10.36 24.60
N ALA A 335 18.23 11.43 24.05
CA ALA A 335 18.98 12.63 23.70
C ALA A 335 18.03 13.84 23.66
N GLU A 336 18.62 15.04 23.78
CA GLU A 336 17.87 16.28 23.71
C GLU A 336 18.23 17.05 22.45
N LEU A 337 17.23 17.75 21.91
CA LEU A 337 17.37 18.65 20.77
C LEU A 337 16.62 19.94 21.08
N SER A 338 17.06 21.04 20.45
CA SER A 338 16.45 22.35 20.64
C SER A 338 15.63 22.69 19.39
N VAL A 339 14.35 23.05 19.60
CA VAL A 339 13.46 23.41 18.50
C VAL A 339 14.05 24.61 17.75
N LYS A 340 14.47 25.63 18.49
CA LYS A 340 14.85 26.90 17.87
C LYS A 340 16.16 26.69 17.11
N GLU A 341 17.05 25.83 17.64
CA GLU A 341 18.30 25.54 16.96
C GLU A 341 18.02 24.85 15.64
N ILE A 342 17.08 23.91 15.62
CA ILE A 342 16.72 23.24 14.37
C ILE A 342 16.15 24.26 13.38
N LEU A 343 15.23 25.12 13.81
CA LEU A 343 14.60 26.09 12.92
C LEU A 343 15.63 27.06 12.36
N ASN A 344 16.56 27.50 13.21
CA ASN A 344 17.65 28.38 12.82
C ASN A 344 18.52 27.72 11.73
N ILE A 345 18.93 26.48 11.98
CA ILE A 345 19.75 25.75 11.02
C ILE A 345 19.00 25.61 9.71
N LEU A 346 17.69 25.44 9.75
CA LEU A 346 16.86 25.28 8.56
C LEU A 346 16.63 26.59 7.81
N ASN A 347 17.10 27.73 8.32
CA ASN A 347 16.89 29.02 7.68
C ASN A 347 15.40 29.39 7.65
N VAL A 348 14.69 29.02 8.73
CA VAL A 348 13.31 29.38 8.97
C VAL A 348 13.27 30.56 9.94
N GLY A 349 12.63 31.66 9.54
CA GLY A 349 12.50 32.83 10.41
C GLY A 349 11.72 32.50 11.69
N ILE A 350 12.20 33.00 12.84
CA ILE A 350 11.47 32.86 14.09
C ILE A 350 11.52 34.20 14.84
N LEU A 351 10.59 34.36 15.80
CA LEU A 351 10.46 35.56 16.61
C LEU A 351 10.29 35.15 18.07
N MET B 1 -12.21 -27.03 -19.01
CA MET B 1 -12.44 -26.13 -17.85
C MET B 1 -13.29 -24.91 -18.26
N ASP B 2 -13.11 -24.43 -19.50
CA ASP B 2 -13.75 -23.21 -19.98
C ASP B 2 -15.24 -23.43 -20.25
N ILE B 3 -16.07 -22.58 -19.64
CA ILE B 3 -17.52 -22.68 -19.72
C ILE B 3 -18.12 -21.38 -20.29
N ALA B 4 -17.31 -20.59 -21.01
CA ALA B 4 -17.78 -19.31 -21.55
C ALA B 4 -18.41 -19.51 -22.94
N LYS B 5 -19.44 -18.74 -23.25
CA LYS B 5 -20.01 -18.70 -24.60
C LYS B 5 -19.58 -17.39 -25.29
N ARG B 6 -18.55 -17.47 -26.12
CA ARG B 6 -17.95 -16.29 -26.73
C ARG B 6 -18.88 -15.73 -27.80
N CYS B 7 -18.93 -14.39 -27.91
CA CYS B 7 -19.69 -13.74 -28.95
C CYS B 7 -19.05 -14.06 -30.30
N GLU B 8 -19.86 -14.46 -31.28
CA GLU B 8 -19.33 -14.86 -32.57
C GLU B 8 -18.69 -13.68 -33.31
N SER B 9 -18.97 -12.43 -32.91
CA SER B 9 -18.40 -11.26 -33.56
C SER B 9 -17.06 -10.86 -32.94
N ASN B 10 -16.58 -11.61 -31.94
CA ASN B 10 -15.31 -11.26 -31.33
C ASN B 10 -14.22 -11.23 -32.40
N PRO B 11 -13.28 -10.27 -32.40
CA PRO B 11 -13.29 -9.12 -31.48
C PRO B 11 -14.28 -8.04 -31.87
N LEU B 12 -14.90 -7.41 -30.87
CA LEU B 12 -15.85 -6.34 -31.09
C LEU B 12 -15.13 -5.04 -31.49
N LEU B 13 -14.02 -4.72 -30.82
CA LEU B 13 -13.23 -3.54 -31.15
C LEU B 13 -11.74 -3.88 -31.12
N SER B 14 -11.03 -3.39 -32.13
CA SER B 14 -9.58 -3.44 -32.19
C SER B 14 -9.03 -2.03 -32.35
N PRO B 15 -7.72 -1.80 -32.07
CA PRO B 15 -7.11 -0.48 -32.30
C PRO B 15 -7.44 0.20 -33.63
N LYS B 16 -7.52 -0.59 -34.71
CA LYS B 16 -7.78 -0.04 -36.04
C LYS B 16 -9.18 0.57 -36.15
N ASP B 17 -10.10 0.20 -35.24
CA ASP B 17 -11.50 0.57 -35.37
C ASP B 17 -11.78 2.01 -34.90
N LEU B 18 -10.85 2.62 -34.16
CA LEU B 18 -11.02 3.94 -33.58
C LEU B 18 -9.94 4.89 -34.11
N LYS B 19 -10.31 6.17 -34.26
CA LYS B 19 -9.37 7.26 -34.46
C LYS B 19 -8.71 7.59 -33.10
N ALA B 20 -7.44 7.97 -33.14
CA ALA B 20 -6.66 8.23 -31.93
C ALA B 20 -7.31 9.38 -31.16
N GLY B 21 -7.31 9.29 -29.83
CA GLY B 21 -7.81 10.36 -28.98
C GLY B 21 -6.81 11.51 -28.86
N ILE B 22 -5.52 11.19 -28.98
CA ILE B 22 -4.46 12.20 -28.94
C ILE B 22 -3.92 12.36 -30.36
N ASN B 23 -3.96 13.60 -30.87
CA ASN B 23 -3.76 13.85 -32.28
C ASN B 23 -2.40 13.33 -32.72
N ASP B 24 -2.39 12.58 -33.84
CA ASP B 24 -1.19 12.11 -34.52
C ASP B 24 -0.53 10.92 -33.81
N MET B 25 -1.17 10.40 -32.76
CA MET B 25 -0.63 9.23 -32.09
C MET B 25 -1.31 7.98 -32.63
N GLU B 26 -0.78 6.83 -32.23
CA GLU B 26 -1.34 5.56 -32.66
C GLU B 26 -1.91 4.84 -31.44
N ILE B 27 -3.04 4.18 -31.63
CA ILE B 27 -3.58 3.31 -30.59
C ILE B 27 -2.85 1.97 -30.66
N THR B 28 -2.18 1.58 -29.57
CA THR B 28 -1.46 0.32 -29.51
C THR B 28 -2.36 -0.74 -28.87
N CYS B 29 -3.20 -0.33 -27.90
CA CYS B 29 -3.99 -1.28 -27.13
C CYS B 29 -5.39 -0.72 -26.86
N LEU B 30 -6.40 -1.59 -26.95
CA LEU B 30 -7.71 -1.37 -26.35
C LEU B 30 -7.96 -2.49 -25.35
N LEU B 31 -8.27 -2.15 -24.09
CA LEU B 31 -8.39 -3.23 -23.13
C LEU B 31 -9.23 -2.89 -21.91
N ASN B 32 -9.47 -3.95 -21.14
CA ASN B 32 -9.95 -3.91 -19.77
C ASN B 32 -11.04 -2.84 -19.58
N PRO B 33 -12.18 -2.96 -20.26
CA PRO B 33 -13.25 -1.95 -20.15
C PRO B 33 -14.17 -2.05 -18.95
N GLY B 34 -14.49 -0.88 -18.37
CA GLY B 34 -15.67 -0.72 -17.54
C GLY B 34 -16.92 -0.93 -18.38
N VAL B 35 -18.01 -1.38 -17.74
CA VAL B 35 -19.27 -1.69 -18.40
C VAL B 35 -20.43 -1.14 -17.60
N PHE B 36 -21.38 -0.52 -18.30
CA PHE B 36 -22.58 0.01 -17.65
C PHE B 36 -23.66 0.31 -18.67
N LYS B 37 -24.90 0.49 -18.15
CA LYS B 37 -26.05 0.91 -18.92
C LYS B 37 -26.39 2.35 -18.59
N PHE B 38 -26.74 3.14 -19.62
CA PHE B 38 -27.06 4.54 -19.47
C PHE B 38 -27.85 5.01 -20.71
N LYS B 39 -28.95 5.73 -20.47
CA LYS B 39 -29.78 6.29 -21.52
C LYS B 39 -30.20 5.21 -22.53
N GLY B 40 -30.50 4.01 -22.04
CA GLY B 40 -31.06 2.96 -22.87
C GLY B 40 -30.01 2.18 -23.66
N LYS B 41 -28.73 2.50 -23.47
CA LYS B 41 -27.67 1.90 -24.26
C LYS B 41 -26.68 1.17 -23.36
N THR B 42 -25.90 0.27 -23.97
CA THR B 42 -24.75 -0.34 -23.33
C THR B 42 -23.50 0.48 -23.63
N TRP B 43 -22.75 0.82 -22.57
CA TRP B 43 -21.52 1.60 -22.70
C TRP B 43 -20.32 0.79 -22.21
N LEU B 44 -19.19 1.02 -22.87
CA LEU B 44 -17.90 0.57 -22.41
C LEU B 44 -17.09 1.81 -22.06
N LEU B 45 -16.31 1.70 -20.99
CA LEU B 45 -15.33 2.72 -20.63
C LEU B 45 -13.96 2.09 -20.88
N LEU B 46 -13.48 2.27 -22.11
CA LEU B 46 -12.28 1.61 -22.60
C LEU B 46 -11.04 2.13 -21.87
N ARG B 47 -10.08 1.23 -21.60
CA ARG B 47 -8.71 1.66 -21.42
C ARG B 47 -8.04 1.76 -22.79
N VAL B 48 -7.60 2.95 -23.16
CA VAL B 48 -6.96 3.16 -24.46
C VAL B 48 -5.50 3.57 -24.23
N ALA B 49 -4.56 2.86 -24.87
CA ALA B 49 -3.14 3.20 -24.77
C ALA B 49 -2.63 3.74 -26.11
N GLU B 50 -1.98 4.91 -26.06
CA GLU B 50 -1.51 5.57 -27.26
C GLU B 50 -0.03 5.95 -27.10
N ARG B 51 0.64 6.09 -28.24
CA ARG B 51 2.00 6.64 -28.29
C ARG B 51 2.20 7.25 -29.67
N PRO B 52 3.28 8.05 -29.87
CA PRO B 52 3.54 8.61 -31.18
C PRO B 52 4.07 7.58 -32.16
N VAL B 53 4.08 7.96 -33.43
CA VAL B 53 4.72 7.20 -34.49
C VAL B 53 6.19 7.02 -34.09
N GLN B 54 6.66 5.76 -34.09
CA GLN B 54 8.04 5.47 -33.76
C GLN B 54 8.90 5.65 -35.02
N GLN B 55 9.88 6.56 -34.96
CA GLN B 55 10.85 6.75 -36.02
C GLN B 55 12.06 5.84 -35.80
N GLU B 56 12.80 5.58 -36.87
CA GLU B 56 14.00 4.76 -36.86
C GLU B 56 15.08 5.37 -35.97
N GLY B 57 15.60 4.57 -35.03
CA GLY B 57 16.72 4.97 -34.18
C GLY B 57 16.29 5.82 -32.99
N ILE B 58 14.97 5.96 -32.76
CA ILE B 58 14.44 6.89 -31.76
C ILE B 58 13.28 6.21 -31.02
N ILE B 59 13.31 6.22 -29.69
CA ILE B 59 12.17 5.79 -28.88
C ILE B 59 11.43 7.05 -28.42
N SER B 60 10.14 7.13 -28.72
CA SER B 60 9.31 8.29 -28.42
C SER B 60 8.13 7.84 -27.57
N PHE B 61 7.73 8.64 -26.57
CA PHE B 61 6.62 8.29 -25.71
C PHE B 61 5.92 9.56 -25.21
N PRO B 62 4.64 9.44 -24.80
CA PRO B 62 3.87 10.59 -24.32
C PRO B 62 4.16 11.02 -22.88
N ILE B 63 4.12 12.34 -22.68
CA ILE B 63 4.35 12.99 -21.40
C ILE B 63 3.30 14.09 -21.26
N TYR B 64 3.00 14.49 -20.02
CA TYR B 64 2.33 15.76 -19.77
C TYR B 64 3.41 16.84 -19.65
N ASP B 65 3.23 17.96 -20.37
CA ASP B 65 4.13 19.09 -20.23
C ASP B 65 3.72 19.89 -18.99
N GLU B 66 4.45 21.00 -18.76
CA GLU B 66 4.27 21.86 -17.59
C GLU B 66 2.88 22.50 -17.59
N GLN B 67 2.26 22.61 -18.77
CA GLN B 67 0.95 23.23 -18.91
C GLN B 67 -0.17 22.19 -18.84
N GLY B 68 0.18 20.93 -18.53
CA GLY B 68 -0.80 19.87 -18.37
C GLY B 68 -1.31 19.32 -19.71
N GLN B 69 -0.60 19.63 -20.81
CA GLN B 69 -0.96 19.17 -22.16
C GLN B 69 -0.12 17.95 -22.51
N ILE B 70 -0.71 17.03 -23.29
CA ILE B 70 -0.02 15.83 -23.73
C ILE B 70 0.99 16.22 -24.81
N LYS B 71 2.22 15.69 -24.71
CA LYS B 71 3.28 15.98 -25.65
C LYS B 71 4.11 14.71 -25.83
N VAL B 72 5.24 14.82 -26.51
CA VAL B 72 6.14 13.71 -26.77
C VAL B 72 7.52 14.00 -26.20
N MET B 73 8.12 12.99 -25.57
CA MET B 73 9.55 12.98 -25.22
C MET B 73 10.22 11.85 -26.00
N SER B 74 11.51 12.03 -26.33
CA SER B 74 12.22 11.14 -27.23
C SER B 74 13.67 10.92 -26.75
N PHE B 75 14.20 9.70 -26.96
CA PHE B 75 15.61 9.41 -26.72
C PHE B 75 16.17 8.66 -27.92
N ALA B 76 17.45 8.89 -28.22
CA ALA B 76 18.19 8.08 -29.17
C ALA B 76 18.29 6.63 -28.66
N GLU B 77 18.10 5.66 -29.57
CA GLU B 77 18.06 4.26 -29.21
C GLU B 77 19.43 3.77 -28.71
N ASN B 78 20.49 4.39 -29.23
CA ASN B 78 21.85 3.97 -28.92
C ASN B 78 22.42 4.77 -27.75
N ASP B 79 21.58 5.54 -27.04
CA ASP B 79 22.04 6.28 -25.89
C ASP B 79 22.46 5.30 -24.81
N PRO B 80 23.70 5.40 -24.25
CA PRO B 80 24.17 4.44 -23.25
C PRO B 80 23.48 4.55 -21.89
N ASP B 81 22.76 5.66 -21.68
CA ASP B 81 21.99 5.87 -20.45
C ASP B 81 20.54 5.40 -20.61
N LEU B 82 20.23 4.76 -21.74
CA LEU B 82 18.87 4.30 -22.02
C LEU B 82 18.81 2.79 -21.86
N ASP B 83 17.83 2.30 -21.10
CA ASP B 83 17.48 0.90 -21.08
C ASP B 83 16.04 0.74 -21.59
N ALA B 84 15.92 0.35 -22.87
CA ALA B 84 14.62 0.16 -23.49
C ALA B 84 14.35 -1.33 -23.74
N SER B 85 14.92 -2.20 -22.89
CA SER B 85 14.79 -3.64 -23.03
C SER B 85 13.34 -4.10 -22.82
N ASP B 86 12.65 -3.50 -21.85
CA ASP B 86 11.25 -3.81 -21.60
C ASP B 86 10.36 -2.89 -22.45
N PRO B 87 9.33 -3.44 -23.14
CA PRO B 87 8.46 -2.61 -23.98
C PRO B 87 7.36 -1.84 -23.25
N ARG B 88 7.17 -2.10 -21.95
CA ARG B 88 6.20 -1.37 -21.15
C ARG B 88 6.85 -0.18 -20.43
N VAL B 89 8.04 -0.39 -19.86
CA VAL B 89 8.72 0.57 -18.99
C VAL B 89 10.15 0.73 -19.49
N ILE B 90 10.60 1.97 -19.75
CA ILE B 90 11.98 2.25 -20.09
C ILE B 90 12.66 2.96 -18.93
N GLY B 91 13.98 2.89 -18.89
CA GLY B 91 14.77 3.61 -17.91
C GLY B 91 15.74 4.57 -18.59
N TYR B 92 15.89 5.77 -18.02
CA TYR B 92 16.87 6.74 -18.48
C TYR B 92 17.45 7.53 -17.32
N LYS B 93 18.74 7.29 -17.04
CA LYS B 93 19.45 7.89 -15.92
C LYS B 93 18.69 7.64 -14.62
N GLY B 94 18.20 6.41 -14.41
CA GLY B 94 17.59 6.04 -13.15
C GLY B 94 16.13 6.48 -12.99
N LYS B 95 15.57 7.18 -13.98
CA LYS B 95 14.14 7.50 -13.99
C LYS B 95 13.39 6.57 -14.94
N ASN B 96 12.13 6.25 -14.58
CA ASN B 96 11.30 5.35 -15.36
C ASN B 96 10.22 6.14 -16.10
N TYR B 97 9.93 5.69 -17.33
CA TYR B 97 8.83 6.20 -18.14
C TYR B 97 8.07 5.04 -18.77
N LEU B 98 6.75 5.17 -18.90
CA LEU B 98 5.96 4.21 -19.65
C LEU B 98 6.06 4.56 -21.14
N THR B 99 5.95 3.53 -22.00
CA THR B 99 6.11 3.66 -23.43
C THR B 99 4.81 4.13 -24.08
N THR B 100 3.68 3.91 -23.39
CA THR B 100 2.40 4.43 -23.84
C THR B 100 1.74 5.19 -22.69
N MET B 101 0.74 6.02 -23.04
CA MET B 101 -0.13 6.57 -22.03
C MET B 101 -1.55 6.06 -22.20
N SER B 102 -2.14 5.61 -21.09
CA SER B 102 -3.53 5.18 -21.07
C SER B 102 -4.43 6.31 -20.57
N TYR B 103 -5.64 6.33 -21.15
CA TYR B 103 -6.76 7.16 -20.72
C TYR B 103 -8.03 6.31 -20.83
N LEU B 104 -9.18 6.87 -20.40
CA LEU B 104 -10.45 6.18 -20.42
C LEU B 104 -11.36 6.80 -21.48
N ARG B 105 -11.98 5.95 -22.30
CA ARG B 105 -12.75 6.40 -23.45
C ARG B 105 -14.12 5.74 -23.49
N LEU B 106 -15.17 6.56 -23.70
CA LEU B 106 -16.55 6.07 -23.73
C LEU B 106 -16.94 5.68 -25.16
N VAL B 107 -17.52 4.49 -25.30
CA VAL B 107 -18.25 4.11 -26.50
C VAL B 107 -19.58 3.49 -26.08
N SER B 108 -20.58 3.61 -26.96
CA SER B 108 -21.94 3.16 -26.69
C SER B 108 -22.43 2.24 -27.79
N SER B 109 -23.48 1.47 -27.49
CA SER B 109 -24.05 0.49 -28.41
C SER B 109 -25.55 0.37 -28.17
N GLU B 110 -26.31 0.09 -29.23
CA GLU B 110 -27.74 -0.21 -29.06
C GLU B 110 -28.00 -1.72 -29.09
N ASP B 111 -26.97 -2.52 -29.40
CA ASP B 111 -27.16 -3.95 -29.58
C ASP B 111 -26.19 -4.77 -28.74
N GLY B 112 -25.29 -4.09 -27.99
CA GLY B 112 -24.31 -4.76 -27.15
C GLY B 112 -23.11 -5.31 -27.93
N ILE B 113 -23.03 -5.02 -29.25
CA ILE B 113 -22.07 -5.64 -30.14
C ILE B 113 -21.26 -4.58 -30.90
N HIS B 114 -21.96 -3.67 -31.60
CA HIS B 114 -21.31 -2.62 -32.38
C HIS B 114 -21.25 -1.33 -31.55
N PHE B 115 -20.02 -0.90 -31.23
CA PHE B 115 -19.79 0.26 -30.39
C PHE B 115 -19.22 1.43 -31.18
N HIS B 116 -19.52 2.65 -30.72
CA HIS B 116 -19.05 3.86 -31.37
C HIS B 116 -18.89 4.98 -30.35
N ASP B 117 -18.03 5.94 -30.68
CA ASP B 117 -17.91 7.17 -29.93
C ASP B 117 -19.24 7.91 -29.96
N GLU B 118 -19.54 8.60 -28.85
CA GLU B 118 -20.75 9.41 -28.73
C GLU B 118 -20.39 10.88 -28.68
N PRO B 119 -20.86 11.71 -29.63
CA PRO B 119 -20.70 13.16 -29.54
C PRO B 119 -21.22 13.66 -28.19
N GLY B 120 -20.49 14.58 -27.58
CA GLY B 120 -20.88 15.14 -26.30
C GLY B 120 -20.26 14.39 -25.13
N TYR B 121 -19.57 13.26 -25.40
CA TYR B 121 -19.01 12.42 -24.33
C TYR B 121 -17.50 12.20 -24.56
N PRO B 122 -16.66 13.24 -24.35
CA PRO B 122 -15.22 13.12 -24.60
C PRO B 122 -14.51 12.26 -23.56
N PRO B 123 -13.26 11.85 -23.81
CA PRO B 123 -12.55 10.94 -22.91
C PRO B 123 -12.20 11.52 -21.54
N ILE B 124 -11.74 10.65 -20.64
CA ILE B 124 -11.23 11.03 -19.33
C ILE B 124 -9.72 10.78 -19.35
N PHE B 125 -8.96 11.90 -19.28
CA PHE B 125 -7.52 11.87 -19.22
C PHE B 125 -7.07 12.09 -17.78
N GLY B 126 -5.90 11.53 -17.44
CA GLY B 126 -5.31 11.74 -16.13
C GLY B 126 -5.10 13.24 -15.85
N LYS B 127 -5.33 13.65 -14.60
CA LYS B 127 -5.15 15.03 -14.16
C LYS B 127 -4.40 15.04 -12.84
N GLY B 128 -3.43 15.94 -12.70
CA GLY B 128 -2.70 16.13 -11.46
C GLY B 128 -1.46 15.23 -11.39
N GLU B 129 -0.64 15.47 -10.37
CA GLU B 129 0.65 14.81 -10.22
C GLU B 129 0.55 13.30 -10.12
N LEU B 130 -0.49 12.78 -9.45
CA LEU B 130 -0.62 11.36 -9.19
C LEU B 130 -1.20 10.60 -10.41
N GLU B 131 -1.49 11.32 -11.51
CA GLU B 131 -1.99 10.68 -12.72
C GLU B 131 -1.15 11.11 -13.93
N ALA B 132 0.10 11.53 -13.70
CA ALA B 132 0.97 12.03 -14.76
C ALA B 132 1.34 10.97 -15.80
N PHE B 133 1.28 9.69 -15.43
CA PHE B 133 1.60 8.60 -16.37
C PHE B 133 0.33 7.90 -16.88
N GLY B 134 -0.86 8.40 -16.52
CA GLY B 134 -2.11 7.92 -17.08
C GLY B 134 -3.03 7.27 -16.04
N ILE B 135 -4.20 6.81 -16.53
CA ILE B 135 -5.18 6.11 -15.72
C ILE B 135 -5.63 4.86 -16.48
N GLU B 136 -6.01 3.81 -15.73
CA GLU B 136 -6.12 2.47 -16.28
C GLU B 136 -7.23 1.65 -15.59
N ASP B 137 -7.82 0.71 -16.36
CA ASP B 137 -8.54 -0.44 -15.83
C ASP B 137 -9.67 -0.01 -14.89
N CYS B 138 -10.56 0.84 -15.41
CA CYS B 138 -11.59 1.45 -14.61
C CYS B 138 -12.78 0.51 -14.41
N ARG B 139 -13.13 0.26 -13.14
CA ARG B 139 -14.35 -0.42 -12.75
C ARG B 139 -15.46 0.60 -12.61
N VAL B 140 -16.66 0.26 -13.06
CA VAL B 140 -17.80 1.17 -12.92
C VAL B 140 -18.86 0.48 -12.06
N ALA B 141 -19.10 1.04 -10.87
CA ALA B 141 -20.21 0.62 -10.02
C ALA B 141 -21.46 1.43 -10.36
N SER B 142 -22.55 0.73 -10.76
CA SER B 142 -23.86 1.33 -10.97
C SER B 142 -24.67 1.19 -9.69
N THR B 143 -25.05 2.33 -9.08
CA THR B 143 -25.64 2.37 -7.75
C THR B 143 -26.84 3.30 -7.77
N LYS B 144 -27.60 3.29 -6.67
CA LYS B 144 -28.78 4.15 -6.57
C LYS B 144 -28.38 5.62 -6.51
N ASP B 145 -27.11 5.94 -6.20
CA ASP B 145 -26.61 7.30 -6.14
C ASP B 145 -25.76 7.67 -7.36
N GLY B 146 -25.86 6.89 -8.44
CA GLY B 146 -25.09 7.18 -9.64
C GLY B 146 -23.91 6.22 -9.81
N PHE B 147 -22.92 6.68 -10.60
CA PHE B 147 -21.83 5.83 -11.06
C PHE B 147 -20.55 6.21 -10.35
N TYR B 148 -19.85 5.20 -9.82
CA TYR B 148 -18.56 5.41 -9.18
C TYR B 148 -17.50 4.67 -9.99
N LEU B 149 -16.44 5.41 -10.33
CA LEU B 149 -15.33 4.91 -11.13
C LEU B 149 -14.17 4.62 -10.18
N THR B 150 -13.59 3.41 -10.24
CA THR B 150 -12.37 3.12 -9.50
C THR B 150 -11.31 2.54 -10.44
N PHE B 151 -10.16 3.24 -10.50
CA PHE B 151 -9.18 3.06 -11.57
C PHE B 151 -7.76 3.19 -10.99
N THR B 152 -6.79 2.65 -11.73
CA THR B 152 -5.38 2.86 -11.42
C THR B 152 -5.01 4.31 -11.72
N GLU B 153 -4.30 4.94 -10.79
CA GLU B 153 -3.61 6.20 -11.01
C GLU B 153 -2.11 5.93 -11.07
N VAL B 154 -1.45 6.36 -12.16
CA VAL B 154 -0.05 6.04 -12.38
C VAL B 154 0.74 7.34 -12.49
N SER B 155 1.89 7.36 -11.80
CA SER B 155 2.90 8.42 -11.87
C SER B 155 4.26 7.85 -11.50
N SER B 156 5.29 8.69 -11.55
CA SER B 156 6.63 8.28 -11.18
C SER B 156 6.72 7.93 -9.69
N VAL B 157 5.75 8.36 -8.86
CA VAL B 157 5.85 8.10 -7.42
C VAL B 157 4.89 6.99 -6.97
N ALA B 158 3.97 6.52 -7.82
CA ALA B 158 2.94 5.61 -7.32
C ALA B 158 2.11 4.99 -8.42
N VAL B 159 1.85 3.69 -8.25
CA VAL B 159 0.68 3.03 -8.79
C VAL B 159 -0.34 2.87 -7.66
N GLY B 160 -1.41 3.69 -7.67
CA GLY B 160 -2.46 3.68 -6.66
C GLY B 160 -3.87 3.73 -7.24
N VAL B 161 -4.89 3.87 -6.39
CA VAL B 161 -6.28 3.81 -6.83
C VAL B 161 -6.95 5.17 -6.64
N GLY B 162 -7.61 5.65 -7.70
CA GLY B 162 -8.47 6.82 -7.63
C GLY B 162 -9.96 6.45 -7.69
N MET B 163 -10.82 7.38 -7.27
CA MET B 163 -12.25 7.26 -7.45
C MET B 163 -12.83 8.59 -7.95
N MET B 164 -13.78 8.49 -8.87
CA MET B 164 -14.58 9.60 -9.35
C MET B 164 -16.05 9.22 -9.26
N HIS B 165 -16.94 10.22 -9.32
CA HIS B 165 -18.38 9.99 -9.35
C HIS B 165 -19.01 10.79 -10.49
N THR B 166 -20.04 10.23 -11.13
CA THR B 166 -20.83 10.95 -12.11
C THR B 166 -22.28 10.49 -12.08
N ASN B 167 -23.19 11.40 -12.45
CA ASN B 167 -24.58 11.08 -12.75
C ASN B 167 -24.85 11.06 -14.25
N ASP B 168 -24.13 11.82 -15.06
CA ASP B 168 -24.48 12.07 -16.45
C ASP B 168 -23.34 11.79 -17.44
N TRP B 169 -22.18 11.33 -16.93
CA TRP B 169 -21.03 11.00 -17.75
C TRP B 169 -20.47 12.19 -18.51
N LYS B 170 -20.77 13.42 -18.04
CA LYS B 170 -20.19 14.63 -18.59
C LYS B 170 -19.46 15.43 -17.51
N THR B 171 -20.04 15.51 -16.31
CA THR B 171 -19.48 16.18 -15.15
C THR B 171 -19.07 15.10 -14.15
N PHE B 172 -17.91 15.29 -13.51
CA PHE B 172 -17.37 14.30 -12.59
C PHE B 172 -16.90 14.99 -11.33
N GLU B 173 -16.99 14.29 -10.19
CA GLU B 173 -16.31 14.72 -8.97
C GLU B 173 -15.18 13.72 -8.72
N HIS B 174 -14.02 14.22 -8.29
CA HIS B 174 -12.82 13.41 -8.10
C HIS B 174 -12.57 13.32 -6.60
N TYR B 175 -12.44 12.10 -6.05
CA TYR B 175 -12.32 11.92 -4.60
C TYR B 175 -10.86 11.73 -4.19
N GLY B 176 -9.94 11.88 -5.15
CA GLY B 176 -8.51 11.73 -4.88
C GLY B 176 -8.07 10.28 -4.91
N MET B 177 -6.87 10.05 -4.36
CA MET B 177 -6.30 8.72 -4.24
C MET B 177 -6.84 8.08 -2.97
N ILE B 178 -7.75 7.11 -3.14
CA ILE B 178 -8.42 6.44 -2.02
C ILE B 178 -7.54 5.33 -1.42
N LEU B 179 -6.60 4.79 -2.21
CA LEU B 179 -5.72 3.72 -1.74
C LEU B 179 -4.32 4.09 -2.20
N PRO B 180 -3.32 4.04 -1.31
CA PRO B 180 -1.95 4.42 -1.66
C PRO B 180 -1.30 3.31 -2.49
N PRO B 181 -0.09 3.56 -3.05
CA PRO B 181 0.64 2.52 -3.75
C PRO B 181 1.00 1.41 -2.76
N HIS B 182 1.24 0.21 -3.26
CA HIS B 182 1.15 -0.18 -4.67
C HIS B 182 -0.11 -1.02 -4.83
N ASN B 183 -1.11 -0.48 -5.53
CA ASN B 183 -2.44 -1.05 -5.46
C ASN B 183 -3.16 -0.76 -6.79
N LYS B 184 -4.07 -1.69 -7.12
CA LYS B 184 -4.96 -1.56 -8.27
C LYS B 184 -6.05 -2.65 -8.12
N ASP B 185 -6.80 -2.92 -9.21
CA ASP B 185 -7.85 -3.93 -9.22
C ASP B 185 -8.87 -3.66 -8.11
N CYS B 186 -9.39 -2.43 -8.08
CA CYS B 186 -10.31 -1.97 -7.07
C CYS B 186 -11.74 -2.13 -7.57
N ALA B 187 -12.49 -3.03 -6.93
CA ALA B 187 -13.85 -3.37 -7.32
C ALA B 187 -14.82 -2.98 -6.21
N LEU B 188 -15.39 -1.78 -6.34
CA LEU B 188 -16.38 -1.24 -5.43
C LEU B 188 -17.70 -2.00 -5.56
N PHE B 189 -18.26 -2.41 -4.41
CA PHE B 189 -19.56 -3.07 -4.37
C PHE B 189 -20.63 -2.02 -4.69
N GLU B 190 -21.72 -2.48 -5.33
CA GLU B 190 -22.76 -1.61 -5.87
C GLU B 190 -23.88 -1.33 -4.86
N GLU B 191 -23.78 -1.90 -3.67
CA GLU B 191 -24.70 -1.59 -2.59
C GLU B 191 -23.96 -1.70 -1.26
N LYS B 192 -24.54 -1.07 -0.23
CA LYS B 192 -23.99 -1.11 1.12
C LYS B 192 -24.30 -2.47 1.75
N ILE B 193 -23.48 -2.87 2.74
CA ILE B 193 -23.77 -3.99 3.62
C ILE B 193 -23.64 -3.51 5.06
N ASN B 194 -24.64 -3.82 5.89
CA ASN B 194 -24.67 -3.37 7.28
C ASN B 194 -24.31 -1.88 7.34
N ASP B 195 -24.90 -1.09 6.44
CA ASP B 195 -24.73 0.35 6.36
C ASP B 195 -23.28 0.81 6.15
N LYS B 196 -22.43 -0.02 5.52
CA LYS B 196 -21.12 0.46 5.11
C LYS B 196 -20.90 0.14 3.64
N TYR B 197 -19.94 0.84 3.03
CA TYR B 197 -19.47 0.50 1.70
C TYR B 197 -18.31 -0.49 1.78
N TYR B 198 -18.18 -1.33 0.74
CA TYR B 198 -17.11 -2.31 0.62
C TYR B 198 -16.47 -2.23 -0.74
N THR B 199 -15.18 -2.56 -0.81
CA THR B 199 -14.45 -2.71 -2.07
C THR B 199 -13.45 -3.85 -1.94
N PHE B 200 -13.23 -4.57 -3.04
CA PHE B 200 -12.04 -5.40 -3.15
C PHE B 200 -10.91 -4.49 -3.61
N HIS B 201 -9.67 -4.88 -3.27
CA HIS B 201 -8.47 -4.23 -3.78
C HIS B 201 -7.32 -5.24 -3.81
N ARG B 202 -6.10 -4.78 -4.08
CA ARG B 202 -5.03 -5.68 -4.50
C ARG B 202 -3.68 -5.01 -4.28
N PRO B 203 -3.29 -4.79 -3.02
CA PRO B 203 -1.94 -4.30 -2.71
C PRO B 203 -0.87 -5.30 -3.15
N SER B 204 0.29 -4.79 -3.59
CA SER B 204 1.44 -5.63 -3.91
C SER B 204 2.53 -5.46 -2.84
N SER B 205 3.03 -6.58 -2.33
CA SER B 205 4.05 -6.61 -1.29
C SER B 205 5.42 -6.93 -1.91
N PRO B 206 6.47 -6.14 -1.63
CA PRO B 206 7.85 -6.52 -1.98
C PRO B 206 8.38 -7.77 -1.27
N GLU B 207 7.86 -8.04 -0.06
CA GLU B 207 8.17 -9.24 0.70
C GLU B 207 7.11 -9.40 1.79
N LEU B 208 7.12 -10.55 2.47
CA LEU B 208 6.14 -10.85 3.50
C LEU B 208 4.74 -10.57 2.95
N GLY B 209 4.42 -11.33 1.89
CA GLY B 209 3.17 -11.17 1.17
C GLY B 209 3.37 -11.44 -0.31
N GLY B 210 2.44 -10.90 -1.09
CA GLY B 210 2.43 -11.08 -2.54
C GLY B 210 1.38 -10.15 -3.15
N ASN B 211 0.60 -10.70 -4.09
CA ASN B 211 -0.40 -9.96 -4.82
C ASN B 211 -1.75 -10.64 -4.61
N TYR B 212 -2.43 -10.29 -3.52
CA TYR B 212 -3.63 -11.02 -3.10
C TYR B 212 -4.85 -10.12 -3.21
N ILE B 213 -6.04 -10.74 -3.18
CA ILE B 213 -7.29 -10.00 -3.11
C ILE B 213 -7.57 -9.62 -1.65
N TRP B 214 -7.80 -8.32 -1.41
CA TRP B 214 -8.10 -7.73 -0.12
C TRP B 214 -9.48 -7.07 -0.15
N LEU B 215 -10.03 -6.82 1.05
CA LEU B 215 -11.28 -6.14 1.28
C LEU B 215 -11.04 -4.90 2.14
N ALA B 216 -11.78 -3.81 1.88
CA ALA B 216 -11.80 -2.67 2.78
C ALA B 216 -13.22 -2.14 2.94
N GLU B 217 -13.46 -1.41 4.05
CA GLU B 217 -14.75 -0.81 4.29
C GLU B 217 -14.62 0.71 4.41
N SER B 218 -15.75 1.40 4.22
CA SER B 218 -15.79 2.86 4.25
C SER B 218 -17.15 3.33 4.73
N PRO B 219 -17.22 4.41 5.53
CA PRO B 219 -18.49 5.08 5.79
C PRO B 219 -18.94 6.07 4.70
N ASP B 220 -18.05 6.41 3.75
CA ASP B 220 -18.28 7.61 2.94
C ASP B 220 -17.68 7.52 1.51
N LEU B 221 -17.04 6.41 1.14
CA LEU B 221 -16.46 6.20 -0.19
C LEU B 221 -15.11 6.90 -0.37
N ARG B 222 -14.81 7.94 0.39
CA ARG B 222 -13.55 8.67 0.25
C ARG B 222 -12.46 8.06 1.14
N HIS B 223 -12.86 7.51 2.30
CA HIS B 223 -11.93 7.07 3.33
C HIS B 223 -12.14 5.59 3.64
N TRP B 224 -11.04 4.80 3.67
CA TRP B 224 -11.10 3.34 3.72
C TRP B 224 -10.29 2.78 4.89
N GLY B 225 -10.76 1.65 5.44
CA GLY B 225 -10.10 1.02 6.57
C GLY B 225 -10.57 -0.41 6.80
N ASN B 226 -10.20 -0.92 7.98
CA ASN B 226 -10.46 -2.28 8.42
C ASN B 226 -10.07 -3.29 7.34
N HIS B 227 -8.82 -3.23 6.88
CA HIS B 227 -8.36 -4.04 5.77
C HIS B 227 -8.32 -5.51 6.17
N LYS B 228 -8.69 -6.37 5.21
CA LYS B 228 -8.74 -7.82 5.40
C LYS B 228 -8.24 -8.52 4.14
N CYS B 229 -7.45 -9.59 4.33
CA CYS B 229 -6.97 -10.41 3.24
C CYS B 229 -8.04 -11.45 2.93
N VAL B 230 -8.56 -11.45 1.69
CA VAL B 230 -9.67 -12.31 1.30
C VAL B 230 -9.14 -13.61 0.68
N ALA B 231 -8.30 -13.51 -0.37
CA ALA B 231 -7.81 -14.68 -1.08
C ALA B 231 -6.37 -14.49 -1.60
N THR B 232 -5.50 -15.44 -1.27
CA THR B 232 -4.13 -15.43 -1.74
C THR B 232 -4.03 -16.19 -3.06
N THR B 233 -2.84 -16.14 -3.67
CA THR B 233 -2.47 -17.06 -4.74
C THR B 233 -2.42 -18.47 -4.15
N ARG B 234 -2.41 -19.48 -5.04
CA ARG B 234 -2.39 -20.87 -4.62
C ARG B 234 -1.21 -21.60 -5.28
N ASP B 235 -0.29 -22.08 -4.44
CA ASP B 235 0.89 -22.82 -4.88
C ASP B 235 0.44 -24.05 -5.67
N GLY B 236 1.01 -24.22 -6.86
CA GLY B 236 0.73 -25.36 -7.72
C GLY B 236 -0.56 -25.23 -8.52
N PHE B 237 -1.21 -24.05 -8.50
CA PHE B 237 -2.46 -23.83 -9.21
C PHE B 237 -2.22 -22.85 -10.34
N TRP B 238 -3.18 -22.78 -11.26
CA TRP B 238 -3.19 -21.81 -12.34
C TRP B 238 -3.03 -20.38 -11.81
N ASP B 239 -3.37 -20.14 -10.54
CA ASP B 239 -3.35 -18.80 -9.97
C ASP B 239 -2.27 -18.73 -8.88
N CYS B 240 -1.06 -19.24 -9.18
CA CYS B 240 0.02 -19.29 -8.23
C CYS B 240 0.78 -17.96 -8.14
N ALA B 241 0.72 -17.11 -9.17
CA ALA B 241 1.61 -15.95 -9.24
C ALA B 241 0.91 -14.69 -8.73
N ARG B 242 -0.31 -14.43 -9.22
CA ARG B 242 -1.03 -13.24 -8.79
C ARG B 242 -2.53 -13.41 -9.03
N VAL B 243 -3.32 -12.83 -8.11
CA VAL B 243 -4.76 -12.74 -8.28
C VAL B 243 -5.22 -11.28 -8.15
N GLY B 244 -6.41 -11.00 -8.69
CA GLY B 244 -7.06 -9.71 -8.61
C GLY B 244 -8.55 -9.81 -8.96
N ALA B 245 -9.37 -9.00 -8.27
CA ALA B 245 -10.79 -8.92 -8.57
C ALA B 245 -10.97 -8.26 -9.93
N GLY B 246 -12.15 -8.53 -10.53
CA GLY B 246 -12.56 -7.90 -11.77
C GLY B 246 -13.52 -6.76 -11.46
N ALA B 247 -14.78 -6.98 -11.83
CA ALA B 247 -15.86 -6.05 -11.57
C ALA B 247 -16.41 -6.32 -10.18
N ALA B 248 -17.33 -5.45 -9.77
CA ALA B 248 -18.15 -5.67 -8.58
C ALA B 248 -18.67 -7.10 -8.57
N PRO B 249 -18.82 -7.68 -7.36
CA PRO B 249 -19.44 -8.99 -7.22
C PRO B 249 -20.95 -8.92 -7.51
N ILE B 250 -21.48 -10.06 -7.94
CA ILE B 250 -22.90 -10.21 -8.22
C ILE B 250 -23.55 -10.77 -6.96
N LYS B 251 -24.68 -10.18 -6.58
CA LYS B 251 -25.41 -10.68 -5.42
C LYS B 251 -26.22 -11.91 -5.82
N THR B 252 -25.89 -13.07 -5.23
CA THR B 252 -26.70 -14.27 -5.46
C THR B 252 -27.28 -14.69 -4.10
N GLU B 253 -28.18 -15.68 -4.14
CA GLU B 253 -28.74 -16.23 -2.90
C GLU B 253 -27.68 -17.01 -2.13
N ALA B 254 -26.64 -17.48 -2.81
CA ALA B 254 -25.60 -18.25 -2.14
C ALA B 254 -24.48 -17.36 -1.61
N GLY B 255 -24.46 -16.07 -2.00
CA GLY B 255 -23.38 -15.17 -1.61
C GLY B 255 -23.02 -14.22 -2.75
N TRP B 256 -21.97 -13.43 -2.49
CA TRP B 256 -21.36 -12.55 -3.48
C TRP B 256 -20.50 -13.38 -4.45
N LEU B 257 -20.89 -13.37 -5.73
CA LEU B 257 -20.16 -14.08 -6.75
C LEU B 257 -19.20 -13.13 -7.46
N GLU B 258 -17.89 -13.40 -7.32
CA GLU B 258 -16.84 -12.53 -7.87
C GLU B 258 -16.07 -13.26 -8.96
N ILE B 259 -16.08 -12.67 -10.17
CA ILE B 259 -15.33 -13.23 -11.28
C ILE B 259 -13.95 -12.59 -11.29
N TYR B 260 -12.96 -13.30 -10.72
CA TYR B 260 -11.63 -12.77 -10.53
C TYR B 260 -10.70 -13.28 -11.63
N HIS B 261 -9.53 -12.64 -11.74
CA HIS B 261 -8.50 -13.08 -12.66
C HIS B 261 -7.29 -13.57 -11.86
N GLY B 262 -6.62 -14.58 -12.40
CA GLY B 262 -5.43 -15.16 -11.78
C GLY B 262 -4.39 -15.51 -12.83
N ALA B 263 -3.11 -15.44 -12.45
CA ALA B 263 -2.01 -15.68 -13.37
C ALA B 263 -1.00 -16.66 -12.74
N ASP B 264 -0.33 -17.42 -13.61
CA ASP B 264 0.73 -18.33 -13.25
C ASP B 264 2.09 -17.66 -13.54
N PHE B 265 3.18 -18.40 -13.33
CA PHE B 265 4.52 -17.82 -13.49
C PHE B 265 4.92 -17.78 -14.96
N ASN B 266 4.05 -18.26 -15.86
CA ASN B 266 4.25 -18.08 -17.30
C ASN B 266 3.47 -16.87 -17.82
N HIS B 267 2.79 -16.13 -16.95
CA HIS B 267 2.07 -14.91 -17.32
C HIS B 267 0.82 -15.22 -18.15
N ARG B 268 0.31 -16.45 -18.02
CA ARG B 268 -1.00 -16.82 -18.53
C ARG B 268 -2.07 -16.41 -17.54
N TYR B 269 -3.03 -15.61 -18.01
CA TYR B 269 -4.14 -15.09 -17.21
C TYR B 269 -5.43 -15.80 -17.59
N CYS B 270 -6.15 -16.29 -16.57
CA CYS B 270 -7.46 -16.92 -16.70
C CYS B 270 -8.45 -16.28 -15.71
N LEU B 271 -9.73 -16.65 -15.83
CA LEU B 271 -10.77 -16.18 -14.91
C LEU B 271 -11.21 -17.34 -14.03
N GLY B 272 -11.49 -17.03 -12.76
CA GLY B 272 -12.07 -17.98 -11.82
C GLY B 272 -13.26 -17.36 -11.09
N ALA B 273 -13.89 -18.17 -10.23
CA ALA B 273 -14.99 -17.71 -9.41
C ALA B 273 -14.64 -17.79 -7.92
N LEU B 274 -15.01 -16.72 -7.18
CA LEU B 274 -14.95 -16.65 -5.72
C LEU B 274 -16.36 -16.37 -5.19
N LEU B 275 -16.77 -17.12 -4.15
CA LEU B 275 -18.07 -16.90 -3.53
C LEU B 275 -17.83 -16.43 -2.11
N LEU B 276 -18.27 -15.19 -1.79
CA LEU B 276 -18.08 -14.61 -0.46
C LEU B 276 -19.42 -14.60 0.29
N ASP B 277 -19.36 -14.67 1.64
CA ASP B 277 -20.52 -14.58 2.50
C ASP B 277 -21.22 -13.23 2.33
N LEU B 278 -22.56 -13.24 2.32
CA LEU B 278 -23.38 -12.06 2.03
C LEU B 278 -23.10 -10.95 3.05
N ASN B 279 -23.01 -11.32 4.33
CA ASN B 279 -22.88 -10.37 5.42
C ASN B 279 -21.42 -10.12 5.80
N ASP B 280 -20.53 -11.09 5.58
CA ASP B 280 -19.13 -10.89 5.84
C ASP B 280 -18.33 -11.22 4.58
N PRO B 281 -18.20 -10.26 3.64
CA PRO B 281 -17.54 -10.55 2.37
C PRO B 281 -16.04 -10.87 2.41
N SER B 282 -15.42 -10.82 3.59
CA SER B 282 -14.05 -11.27 3.73
C SER B 282 -14.00 -12.80 3.88
N LYS B 283 -15.16 -13.42 4.04
CA LYS B 283 -15.23 -14.86 4.28
C LYS B 283 -15.49 -15.59 2.96
N VAL B 284 -14.58 -16.49 2.59
CA VAL B 284 -14.70 -17.27 1.36
C VAL B 284 -15.52 -18.54 1.61
N LEU B 285 -16.64 -18.68 0.90
CA LEU B 285 -17.50 -19.86 1.00
C LEU B 285 -17.08 -20.93 -0.01
N ALA B 286 -16.52 -20.51 -1.16
CA ALA B 286 -16.14 -21.42 -2.22
C ALA B 286 -15.23 -20.73 -3.24
N ARG B 287 -14.42 -21.53 -3.93
CA ARG B 287 -13.51 -21.00 -4.94
C ARG B 287 -13.30 -22.05 -6.03
N SER B 288 -13.35 -21.62 -7.30
CA SER B 288 -13.15 -22.58 -8.37
C SER B 288 -11.76 -23.20 -8.25
N LYS B 289 -11.68 -24.53 -8.37
CA LYS B 289 -10.42 -25.25 -8.40
C LYS B 289 -9.71 -24.96 -9.72
N GLU B 290 -10.42 -25.13 -10.83
CA GLU B 290 -9.93 -24.81 -12.15
C GLU B 290 -10.51 -23.47 -12.60
N PRO B 291 -9.98 -22.85 -13.67
CA PRO B 291 -10.58 -21.64 -14.23
C PRO B 291 -11.98 -21.91 -14.79
N ILE B 292 -12.80 -20.86 -14.85
CA ILE B 292 -14.07 -20.95 -15.57
C ILE B 292 -13.90 -20.43 -16.99
N MET B 293 -12.82 -19.69 -17.26
CA MET B 293 -12.53 -19.23 -18.60
C MET B 293 -11.01 -19.11 -18.77
N GLU B 294 -10.52 -19.59 -19.90
CA GLU B 294 -9.10 -19.60 -20.21
C GLU B 294 -8.88 -18.94 -21.56
N PRO B 295 -7.65 -18.42 -21.82
CA PRO B 295 -7.35 -17.80 -23.11
C PRO B 295 -7.09 -18.83 -24.21
N ILE B 296 -8.18 -19.38 -24.78
CA ILE B 296 -8.08 -20.49 -25.73
C ILE B 296 -8.60 -20.12 -27.12
N ALA B 297 -9.26 -18.97 -27.30
CA ALA B 297 -9.60 -18.52 -28.64
C ALA B 297 -8.36 -17.87 -29.28
N SER B 298 -8.32 -17.86 -30.61
CA SER B 298 -7.17 -17.38 -31.36
C SER B 298 -6.80 -15.93 -31.01
N TYR B 299 -7.82 -15.08 -30.83
CA TYR B 299 -7.62 -13.67 -30.51
C TYR B 299 -7.20 -13.50 -29.05
N GLU B 300 -7.22 -14.58 -28.27
CA GLU B 300 -6.78 -14.55 -26.88
C GLU B 300 -5.31 -14.94 -26.76
N GLN B 301 -4.63 -15.14 -27.91
CA GLN B 301 -3.25 -15.60 -27.96
C GLN B 301 -2.44 -14.92 -29.08
N THR B 302 -2.27 -13.59 -29.04
CA THR B 302 -1.52 -12.86 -30.06
C THR B 302 -0.55 -11.88 -29.43
N GLY B 306 -0.66 -11.60 -24.68
CA GLY B 306 -0.34 -12.99 -25.12
C GLY B 306 -0.71 -14.01 -24.05
N ASN B 307 -1.82 -14.72 -24.29
CA ASN B 307 -2.38 -15.70 -23.36
C ASN B 307 -2.94 -14.95 -22.14
N VAL B 308 -3.83 -13.99 -22.44
CA VAL B 308 -4.41 -13.14 -21.42
C VAL B 308 -5.87 -12.90 -21.76
N ILE B 309 -6.74 -13.15 -20.76
CA ILE B 309 -8.07 -12.59 -20.71
C ILE B 309 -8.24 -11.88 -19.36
N PHE B 310 -8.96 -10.76 -19.37
CA PHE B 310 -9.04 -9.87 -18.23
C PHE B 310 -10.39 -9.14 -18.30
N THR B 311 -11.19 -9.22 -17.23
CA THR B 311 -12.48 -8.56 -17.20
C THR B 311 -12.57 -7.69 -15.94
N ASN B 312 -13.08 -6.46 -16.13
CA ASN B 312 -13.42 -5.57 -15.04
C ASN B 312 -14.74 -4.87 -15.31
N GLY B 313 -15.66 -5.59 -15.98
CA GLY B 313 -16.98 -5.05 -16.27
C GLY B 313 -17.90 -6.11 -16.89
N GLN B 314 -19.18 -6.05 -16.52
CA GLN B 314 -20.15 -7.04 -16.98
C GLN B 314 -21.57 -6.50 -16.79
N LEU B 315 -22.52 -7.14 -17.49
CA LEU B 315 -23.93 -6.95 -17.22
C LEU B 315 -24.52 -8.29 -16.83
N VAL B 316 -25.63 -8.22 -16.09
CA VAL B 316 -26.33 -9.40 -15.60
C VAL B 316 -27.80 -9.26 -15.98
N ASP B 317 -28.31 -10.27 -16.69
CA ASP B 317 -29.73 -10.34 -17.00
C ASP B 317 -30.20 -11.74 -16.61
N GLY B 318 -30.90 -11.84 -15.47
CA GLY B 318 -31.33 -13.13 -14.96
C GLY B 318 -30.12 -14.00 -14.63
N ASP B 319 -30.08 -15.19 -15.22
CA ASP B 319 -28.97 -16.12 -15.02
C ASP B 319 -27.76 -15.79 -15.91
N THR B 320 -27.93 -14.91 -16.91
CA THR B 320 -26.88 -14.70 -17.89
C THR B 320 -26.02 -13.50 -17.49
N ILE B 321 -24.72 -13.76 -17.30
CA ILE B 321 -23.70 -12.72 -17.15
C ILE B 321 -23.11 -12.46 -18.52
N THR B 322 -23.14 -11.18 -18.95
CA THR B 322 -22.45 -10.78 -20.16
C THR B 322 -21.18 -10.04 -19.73
N ILE B 323 -20.04 -10.71 -19.79
CA ILE B 323 -18.77 -10.04 -19.51
C ILE B 323 -18.26 -9.38 -20.79
N TYR B 324 -17.61 -8.21 -20.61
CA TYR B 324 -16.72 -7.66 -21.63
C TYR B 324 -15.30 -7.79 -21.10
N TYR B 325 -14.34 -8.04 -22.00
CA TYR B 325 -13.00 -8.39 -21.58
C TYR B 325 -11.98 -7.97 -22.61
N GLY B 326 -10.77 -7.69 -22.11
CA GLY B 326 -9.57 -7.54 -22.91
C GLY B 326 -8.98 -8.91 -23.24
N ALA B 327 -8.53 -9.06 -24.49
CA ALA B 327 -7.88 -10.27 -24.94
C ALA B 327 -6.53 -9.90 -25.53
N SER B 328 -5.48 -10.61 -25.07
CA SER B 328 -4.09 -10.34 -25.46
C SER B 328 -3.67 -8.91 -25.09
N ASP B 329 -4.36 -8.29 -24.12
CA ASP B 329 -4.13 -6.90 -23.77
C ASP B 329 -4.16 -6.00 -25.02
N GLU B 330 -5.00 -6.34 -26.00
CA GLU B 330 -5.02 -5.64 -27.27
C GLU B 330 -6.42 -5.33 -27.77
N VAL B 331 -7.37 -6.28 -27.66
CA VAL B 331 -8.69 -6.12 -28.26
C VAL B 331 -9.79 -6.36 -27.22
N ILE B 332 -11.00 -5.91 -27.57
CA ILE B 332 -12.18 -5.97 -26.72
C ILE B 332 -13.10 -7.08 -27.22
N CYS B 333 -13.59 -7.91 -26.29
CA CYS B 333 -14.42 -9.07 -26.60
C CYS B 333 -15.56 -9.22 -25.59
N LYS B 334 -16.55 -10.04 -25.96
CA LYS B 334 -17.74 -10.30 -25.15
C LYS B 334 -17.94 -11.80 -25.02
N ALA B 335 -18.51 -12.23 -23.88
CA ALA B 335 -18.88 -13.61 -23.68
C ALA B 335 -19.98 -13.70 -22.63
N GLU B 336 -20.72 -14.82 -22.65
CA GLU B 336 -21.77 -15.08 -21.68
C GLU B 336 -21.37 -16.22 -20.75
N LEU B 337 -21.77 -16.10 -19.48
CA LEU B 337 -21.58 -17.13 -18.47
C LEU B 337 -22.90 -17.30 -17.72
N SER B 338 -23.12 -18.53 -17.22
CA SER B 338 -24.32 -18.88 -16.48
C SER B 338 -24.04 -18.88 -14.98
N VAL B 339 -24.85 -18.11 -14.22
CA VAL B 339 -24.70 -18.02 -12.79
C VAL B 339 -24.86 -19.41 -12.18
N LYS B 340 -25.91 -20.14 -12.58
CA LYS B 340 -26.24 -21.39 -11.92
C LYS B 340 -25.16 -22.43 -12.22
N GLU B 341 -24.59 -22.39 -13.44
CA GLU B 341 -23.54 -23.32 -13.81
C GLU B 341 -22.30 -23.07 -12.95
N ILE B 342 -21.97 -21.79 -12.71
CA ILE B 342 -20.84 -21.45 -11.86
C ILE B 342 -21.10 -21.95 -10.44
N LEU B 343 -22.30 -21.69 -9.90
CA LEU B 343 -22.62 -22.10 -8.53
C LEU B 343 -22.58 -23.62 -8.40
N ASN B 344 -23.07 -24.33 -9.41
CA ASN B 344 -23.01 -25.79 -9.43
C ASN B 344 -21.55 -26.28 -9.38
N ILE B 345 -20.69 -25.72 -10.23
CA ILE B 345 -19.28 -26.03 -10.25
C ILE B 345 -18.67 -25.80 -8.86
N LEU B 346 -19.10 -24.73 -8.20
CA LEU B 346 -18.56 -24.36 -6.90
C LEU B 346 -19.05 -25.27 -5.77
N ASN B 347 -19.88 -26.29 -6.04
CA ASN B 347 -20.24 -27.23 -4.97
C ASN B 347 -19.39 -28.50 -5.06
O6 M1P C . 17.00 -1.27 10.66
C6 M1P C . 16.55 0.09 10.63
C5 M1P C . 15.05 0.22 10.62
O5 M1P C . 14.58 -0.27 9.33
C1 M1P C . 13.19 -0.18 9.12
O1 M1P C . 12.72 1.16 9.07
P M1P C . 12.30 1.80 7.63
O1P M1P C . 11.40 0.81 6.89
O2P M1P C . 13.59 2.00 6.84
O3P M1P C . 11.58 3.12 8.01
C2 M1P C . 12.42 -0.91 10.23
O2 M1P C . 12.57 -2.32 10.05
C3 M1P C . 12.85 -0.47 11.62
O3 M1P C . 12.20 -1.28 12.59
C4 M1P C . 14.36 -0.54 11.76
O4 M1P C . 14.78 0.02 13.01
O6 M1P D . -1.20 -8.27 -18.47
C6 M1P D . -2.42 -8.68 -17.83
C5 M1P D . -2.86 -7.68 -16.78
O5 M1P D . -1.76 -7.54 -15.82
C1 M1P D . -2.01 -6.68 -14.70
O1 M1P D . -3.01 -7.21 -13.85
P M1P D . -2.82 -7.66 -12.30
O1P M1P D . -1.99 -6.62 -11.58
O2P M1P D . -2.11 -9.03 -12.28
O3P M1P D . -4.30 -7.74 -11.77
C2 M1P D . -2.46 -5.27 -15.15
O2 M1P D . -1.32 -4.56 -15.64
C3 M1P D . -3.58 -5.34 -16.22
O3 M1P D . -3.86 -4.04 -16.74
C4 M1P D . -3.19 -6.30 -17.36
O4 M1P D . -4.24 -6.44 -18.33
#